data_6E8E
#
_entry.id   6E8E
#
_cell.length_a   78.390
_cell.length_b   103.210
_cell.length_c   141.640
_cell.angle_alpha   90.00
_cell.angle_beta   90.00
_cell.angle_gamma   90.00
#
_symmetry.space_group_name_H-M   'P 21 21 21'
#
loop_
_entity.id
_entity.type
_entity.pdbx_description
1 polymer 'Beta sliding clamp,DNA mismatch repair protein MutL'
2 polymer 'Beta sliding clamp,DNA mismatch repair protein MutL'
3 non-polymer GLYCEROL
4 non-polymer 'SULFATE ION'
5 water water
#
loop_
_entity_poly.entity_id
_entity_poly.type
_entity_poly.pdbx_seq_one_letter_code
_entity_poly.pdbx_strand_id
1 'polypeptide(L)'
;MGSSHHHHHHGSGGGNNNNNNNNNNLGIEENLYFQSHMMKFTVEREHLLKPLQQVSGPLGGRPTLPILGNLLLQVADGTL
SLTGTDLEMEMVARVALVQPHEPGATTVPARKFFDICRGLPEGAEIAVQLEGERMLVRSGRSRFSLSTLPAADFPNLDDW
QSEVEFTLPQATMKRLIEATQFSMAHQDVRYYLNGMLFETEGEELRTVATDGHRLAVCSMPIGQSLPSHSVIVPRKGVIE
LMRMLDGGDNPLRVQIGSNNIRAHVGDFIFTSKLVDGRFPDYRRVLPKNPDKHLEAGCDLLKQAFARAAILSNEKFRGVR
LYVSENQLKITANNPEQEEAEEILDVTYSGAEMEIGFNVSYVLDVLNALKCENVRMMLTDSVSSVQIEDAASQSAAYVVM
PMRLVDSGASGGSWLRQAQLTPGEAPV(CSO)AQPLLIPLRLKVSAEEKSALEKAQSALAELGIDFQSDAQHVTIRAVPL
PLRQQNLQILIPELIGYLAKQSVFEPGNIAQWIARNLMSEH
;
A
2 'polypeptide(L)'
;MGSSHHHHHHGSGGGNNNNNNNNNNLGIEENLYFQSHMMKFTVEREHLLKPLQQVSGPLGGRPTLPILGNLLLQVADGTL
SLTGTDLEMEMVARVALVQPHEPGATTVPARKFFDICRGLPEGAEIAVQLEGERMLVRSGRSRFSLSTLPAADFPNLDDW
QSEVEFTLPQATMKRLIEATQFSMAHQDVRYYLNGMLFETEGEELRTVATDGHRLAVCSMPIGQSLPSHSVIVPRKGVIE
LMRMLDGGDNPLRVQIGSNNIRAHVGDFIFTSKLVDGRFPDYRRVLPKNPDKHLEAGCDLLKQAFARAAILSNEKFRGVR
LYVSENQLKITANNPEQEEAEEILDVTYSGAEMEIGFNVSYVLDVLNALKCENVRMMLTDSVSSVQIEDAASQSAAYVVM
PMRLVDSGASGGSWLRQAQLTPGEAPVCAQPLLIPLRLKVSAEEKSALEKAQSALAELGIDFQSDAQHVTIRAVPLPLRQ
QNLQILIPELIGYLAKQSVFEPGNIAQWIARNLMSEH
;
B
#
# COMPACT_ATOMS: atom_id res chain seq x y z
N ASN A 25 28.83 -33.26 28.08
CA ASN A 25 30.13 -32.59 28.38
C ASN A 25 31.30 -33.56 28.13
N LEU A 26 31.04 -34.85 28.28
CA LEU A 26 32.08 -35.86 28.16
C LEU A 26 31.95 -36.69 26.88
N GLY A 27 30.79 -36.60 26.24
CA GLY A 27 30.59 -37.26 24.95
C GLY A 27 31.41 -36.60 23.87
N ILE A 28 32.18 -37.41 23.15
CA ILE A 28 33.09 -36.89 22.13
C ILE A 28 32.34 -36.23 20.96
N GLU A 29 31.35 -36.92 20.41
CA GLU A 29 30.55 -36.34 19.34
C GLU A 29 29.77 -35.16 19.89
N GLU A 30 29.32 -35.29 21.14
CA GLU A 30 28.61 -34.21 21.80
C GLU A 30 29.54 -33.02 22.04
N ASN A 31 30.83 -33.30 22.12
CA ASN A 31 31.81 -32.22 22.26
C ASN A 31 31.99 -31.52 20.92
N LEU A 32 32.06 -32.29 19.84
CA LEU A 32 32.18 -31.71 18.50
C LEU A 32 30.99 -30.82 18.18
N TYR A 33 29.81 -31.23 18.63
CA TYR A 33 28.60 -30.45 18.39
C TYR A 33 28.71 -29.10 19.08
N PHE A 34 29.30 -29.10 20.27
CA PHE A 34 29.49 -27.86 21.02
C PHE A 34 30.53 -26.97 20.35
N GLN A 35 31.58 -27.58 19.79
CA GLN A 35 32.60 -26.80 19.09
C GLN A 35 32.06 -26.30 17.75
N SER A 36 31.00 -26.95 17.26
CA SER A 36 30.35 -26.54 16.03
C SER A 36 29.40 -25.37 16.27
N HIS A 37 28.91 -25.26 17.50
CA HIS A 37 27.96 -24.21 17.87
C HIS A 37 28.49 -23.14 18.81
N MET A 38 29.80 -22.88 18.70
CA MET A 38 30.44 -21.85 19.52
C MET A 38 30.13 -20.41 19.18
N MET A 39 29.46 -20.19 18.05
CA MET A 39 29.28 -18.83 17.55
C MET A 39 28.73 -17.93 18.64
N LYS A 40 29.38 -16.80 18.82
CA LYS A 40 29.03 -15.90 19.89
C LYS A 40 29.51 -14.50 19.56
N PHE A 41 28.63 -13.52 19.77
CA PHE A 41 29.03 -12.14 19.62
C PHE A 41 28.13 -11.21 20.42
N THR A 42 28.60 -9.99 20.57
CA THR A 42 27.89 -8.96 21.32
C THR A 42 28.15 -7.65 20.61
N VAL A 43 27.08 -7.01 20.16
CA VAL A 43 27.20 -5.80 19.35
C VAL A 43 26.14 -4.78 19.73
N GLU A 44 26.45 -3.50 19.54
CA GLU A 44 25.46 -2.45 19.74
C GLU A 44 24.36 -2.57 18.69
N ARG A 45 23.13 -2.34 19.12
CA ARG A 45 21.96 -2.34 18.22
C ARG A 45 22.19 -1.48 16.99
N GLU A 46 22.79 -0.31 17.18
CA GLU A 46 22.97 0.64 16.09
C GLU A 46 24.04 0.21 15.09
N HIS A 47 24.90 -0.73 15.49
CA HIS A 47 25.88 -1.31 14.59
C HIS A 47 25.27 -2.43 13.77
N LEU A 48 24.12 -2.92 14.22
CA LEU A 48 23.49 -4.09 13.61
C LEU A 48 22.32 -3.71 12.71
N LEU A 49 21.66 -2.60 13.03
CA LEU A 49 20.43 -2.23 12.32
C LEU A 49 20.61 -2.05 10.82
N LYS A 50 21.46 -1.12 10.44
CA LYS A 50 21.60 -0.82 9.01
C LYS A 50 22.08 -2.07 8.23
N PRO A 51 23.03 -2.82 8.77
CA PRO A 51 23.45 -4.05 8.08
C PRO A 51 22.22 -5.06 7.94
N LEU A 52 21.40 -5.26 8.98
CA LEU A 52 20.22 -6.20 8.88
C LEU A 52 19.24 -5.68 7.80
N GLN A 53 18.99 -4.39 7.80
CA GLN A 53 18.11 -3.81 6.80
C GLN A 53 18.62 -4.12 5.41
N GLN A 54 19.92 -3.86 5.22
CA GLN A 54 20.57 -4.03 3.92
C GLN A 54 20.43 -5.45 3.39
N VAL A 55 20.76 -6.44 4.21
CA VAL A 55 20.80 -7.84 3.76
C VAL A 55 19.42 -8.48 3.71
N SER A 56 18.40 -7.80 4.23
CA SER A 56 17.03 -8.28 4.15
C SER A 56 16.36 -7.85 2.86
N GLY A 57 17.07 -7.04 2.07
CA GLY A 57 16.55 -6.55 0.80
C GLY A 57 16.16 -7.63 -0.19
N PRO A 58 17.10 -8.54 -0.53
CA PRO A 58 16.81 -9.62 -1.46
C PRO A 58 15.58 -10.45 -1.08
N LEU A 59 15.17 -10.36 0.18
CA LEU A 59 14.02 -11.11 0.68
C LEU A 59 12.72 -10.36 0.40
N GLY A 61 8.14 -10.95 1.91
CA GLY A 61 7.40 -12.06 2.50
C GLY A 61 7.16 -13.12 1.45
N ARG A 62 8.21 -13.86 1.16
CA ARG A 62 8.18 -14.91 0.18
C ARG A 62 8.50 -16.23 0.84
N PRO A 63 7.68 -17.21 0.53
CA PRO A 63 7.78 -18.56 1.09
C PRO A 63 8.43 -19.49 0.10
N THR A 64 9.36 -18.95 -0.68
CA THR A 64 10.00 -19.65 -1.78
C THR A 64 10.65 -20.92 -1.30
N LEU A 65 11.37 -20.82 -0.21
CA LEU A 65 12.03 -21.92 0.46
C LEU A 65 12.33 -21.38 1.83
N PRO A 66 12.15 -22.20 2.84
CA PRO A 66 12.34 -21.76 4.21
C PRO A 66 13.70 -21.15 4.46
N ILE A 67 14.74 -21.76 3.94
CA ILE A 67 16.10 -21.29 4.16
C ILE A 67 16.34 -19.89 3.56
N LEU A 68 15.60 -19.54 2.53
CA LEU A 68 15.78 -18.25 1.88
C LEU A 68 15.22 -17.10 2.71
N GLY A 69 14.41 -17.43 3.70
CA GLY A 69 13.90 -16.44 4.63
C GLY A 69 14.84 -16.24 5.80
N ASN A 70 15.97 -16.96 5.78
CA ASN A 70 16.97 -16.86 6.82
C ASN A 70 18.18 -16.05 6.40
N LEU A 71 18.82 -15.40 7.36
CA LEU A 71 20.14 -14.80 7.16
C LEU A 71 21.20 -15.80 7.53
N LEU A 72 22.34 -15.77 6.85
CA LEU A 72 23.52 -16.51 7.28
C LEU A 72 24.37 -15.61 8.16
N LEU A 73 24.69 -16.09 9.35
CA LEU A 73 25.54 -15.37 10.31
C LEU A 73 26.88 -16.07 10.44
N GLN A 74 27.96 -15.32 10.22
CA GLN A 74 29.31 -15.89 10.35
C GLN A 74 30.24 -14.98 11.16
N VAL A 75 30.72 -15.51 12.28
CA VAL A 75 31.78 -14.85 13.02
C VAL A 75 33.09 -15.54 12.66
N ALA A 76 33.97 -14.79 12.01
CA ALA A 76 35.30 -15.26 11.70
C ALA A 76 36.25 -14.08 11.85
N ASP A 77 37.47 -14.36 12.31
CA ASP A 77 38.42 -13.29 12.60
C ASP A 77 37.81 -12.39 13.67
N GLY A 78 37.79 -11.08 13.43
CA GLY A 78 37.08 -10.16 14.29
C GLY A 78 35.95 -9.48 13.52
N THR A 79 35.24 -10.28 12.73
CA THR A 79 34.19 -9.76 11.86
C THR A 79 32.95 -10.65 11.88
N LEU A 80 31.79 -10.01 12.05
CA LEU A 80 30.52 -10.67 11.82
C LEU A 80 30.07 -10.42 10.40
N SER A 81 29.81 -11.52 9.66
CA SER A 81 29.24 -11.42 8.33
C SER A 81 27.78 -11.82 8.34
N LEU A 82 26.94 -10.99 7.73
CA LEU A 82 25.52 -11.30 7.56
C LEU A 82 25.22 -11.42 6.08
N THR A 83 24.57 -12.51 5.69
CA THR A 83 24.25 -12.75 4.28
C THR A 83 22.79 -13.08 4.07
N GLY A 84 22.19 -12.43 3.07
CA GLY A 84 20.82 -12.69 2.66
C GLY A 84 20.80 -12.91 1.16
N THR A 85 19.95 -13.83 0.71
CA THR A 85 19.91 -14.19 -0.70
C THR A 85 18.53 -14.64 -1.16
N ASP A 86 18.29 -14.56 -2.46
CA ASP A 86 17.09 -15.11 -3.07
C ASP A 86 17.48 -15.98 -4.28
N LEU A 87 18.73 -16.43 -4.27
CA LEU A 87 19.33 -17.27 -5.31
C LEU A 87 19.52 -16.60 -6.67
N GLU A 88 19.09 -15.35 -6.83
CA GLU A 88 19.38 -14.64 -8.07
C GLU A 88 20.43 -13.60 -7.65
N MET A 89 20.37 -13.21 -6.38
CA MET A 89 21.32 -12.25 -5.84
C MET A 89 21.54 -12.49 -4.35
N GLU A 90 22.60 -11.89 -3.83
CA GLU A 90 22.90 -11.99 -2.41
C GLU A 90 23.51 -10.68 -1.92
N MET A 91 23.18 -10.31 -0.69
CA MET A 91 23.77 -9.13 -0.07
C MET A 91 24.54 -9.56 1.18
N VAL A 92 25.79 -9.17 1.25
CA VAL A 92 26.65 -9.49 2.37
C VAL A 92 27.07 -8.23 3.13
N ALA A 93 27.00 -8.26 4.45
CA ALA A 93 27.40 -7.14 5.24
C ALA A 93 28.42 -7.57 6.25
N ARG A 94 29.50 -6.81 6.37
CA ARG A 94 30.53 -7.12 7.34
C ARG A 94 30.39 -6.12 8.47
N VAL A 95 30.51 -6.62 9.68
CA VAL A 95 30.45 -5.78 10.84
C VAL A 95 31.66 -6.08 11.72
N ALA A 96 32.44 -5.06 12.02
CA ALA A 96 33.60 -5.23 12.89
C ALA A 96 33.15 -5.53 14.30
N LEU A 97 33.72 -6.57 14.89
CA LEU A 97 33.40 -6.95 16.27
C LEU A 97 34.47 -6.41 17.21
N VAL A 98 34.07 -5.48 18.06
CA VAL A 98 34.99 -4.82 18.99
C VAL A 98 34.85 -5.35 20.41
N GLN A 99 33.87 -6.24 20.61
CA GLN A 99 33.68 -6.91 21.90
C GLN A 99 34.03 -8.39 21.74
N PRO A 100 34.20 -9.09 22.87
CA PRO A 100 34.57 -10.52 22.78
C PRO A 100 33.58 -11.33 21.96
N HIS A 101 34.08 -12.37 21.31
CA HIS A 101 33.27 -13.17 20.40
C HIS A 101 33.92 -14.52 20.18
N GLU A 102 33.14 -15.47 19.68
CA GLU A 102 33.65 -16.78 19.31
C GLU A 102 33.27 -17.11 17.88
N PRO A 103 34.18 -17.76 17.13
CA PRO A 103 33.85 -18.03 15.73
C PRO A 103 32.79 -19.11 15.57
N GLY A 104 32.13 -19.13 14.42
CA GLY A 104 31.10 -20.11 14.13
C GLY A 104 30.14 -19.57 13.10
N ALA A 105 29.10 -20.35 12.81
CA ALA A 105 28.13 -19.94 11.81
C ALA A 105 26.78 -20.62 12.03
N THR A 106 25.73 -19.92 11.62
CA THR A 106 24.37 -20.45 11.69
C THR A 106 23.49 -19.60 10.80
N THR A 107 22.22 -19.99 10.69
CA THR A 107 21.25 -19.17 9.98
C THR A 107 20.01 -18.98 10.84
N VAL A 108 19.43 -17.79 10.77
CA VAL A 108 18.24 -17.45 11.55
C VAL A 108 17.21 -16.72 10.70
N PRO A 109 15.92 -16.82 11.08
CA PRO A 109 14.90 -16.08 10.34
C PRO A 109 15.20 -14.58 10.31
N ALA A 110 15.25 -14.02 9.11
CA ALA A 110 15.72 -12.66 8.90
C ALA A 110 14.79 -11.61 9.51
N ARG A 111 13.51 -11.69 9.16
CA ARG A 111 12.54 -10.70 9.57
C ARG A 111 12.39 -10.67 11.08
N LYS A 112 12.34 -11.85 11.68
CA LYS A 112 12.22 -11.97 13.12
C LYS A 112 13.45 -11.41 13.83
N PHE A 113 14.63 -11.79 13.37
CA PHE A 113 15.87 -11.30 13.99
C PHE A 113 15.96 -9.78 13.87
N PHE A 114 15.57 -9.25 12.73
CA PHE A 114 15.62 -7.82 12.51
C PHE A 114 14.57 -7.07 13.32
N ASP A 115 13.37 -7.62 13.39
CA ASP A 115 12.30 -6.99 14.16
C ASP A 115 12.64 -6.96 15.65
N ILE A 116 13.36 -7.98 16.11
CA ILE A 116 13.77 -8.04 17.52
C ILE A 116 14.79 -6.95 17.81
N CYS A 117 15.80 -6.84 16.94
CA CYS A 117 16.84 -5.83 17.12
C CYS A 117 16.27 -4.43 17.03
N ARG A 118 15.41 -4.21 16.04
CA ARG A 118 14.78 -2.90 15.85
C ARG A 118 13.87 -2.56 17.02
N GLY A 119 13.22 -3.57 17.59
CA GLY A 119 12.28 -3.36 18.67
C GLY A 119 12.93 -3.12 20.01
N LEU A 120 14.21 -3.45 20.12
CA LEU A 120 14.96 -3.17 21.33
C LEU A 120 15.26 -1.68 21.42
N PRO A 121 15.43 -1.16 22.64
CA PRO A 121 15.62 0.28 22.84
C PRO A 121 16.91 0.79 22.22
N GLU A 122 16.96 2.07 21.88
CA GLU A 122 18.18 2.68 21.35
C GLU A 122 19.31 2.53 22.35
N GLY A 123 20.49 2.16 21.83
CA GLY A 123 21.67 2.01 22.66
C GLY A 123 21.80 0.62 23.26
N ALA A 124 20.82 -0.24 22.99
CA ALA A 124 20.81 -1.58 23.55
C ALA A 124 22.02 -2.40 23.09
N GLU A 125 22.49 -3.29 23.95
CA GLU A 125 23.59 -4.22 23.64
C GLU A 125 22.90 -5.53 23.36
N ILE A 126 23.25 -6.15 22.25
CA ILE A 126 22.63 -7.39 21.83
C ILE A 126 23.64 -8.53 21.86
N ALA A 127 23.43 -9.46 22.78
CA ALA A 127 24.32 -10.61 22.94
C ALA A 127 23.71 -11.82 22.27
N VAL A 128 24.49 -12.48 21.43
CA VAL A 128 24.02 -13.64 20.68
C VAL A 128 24.91 -14.85 20.92
N GLN A 129 24.27 -16.01 21.07
CA GLN A 129 25.00 -17.26 21.13
C GLN A 129 24.06 -18.40 20.76
N LEU A 130 24.65 -19.57 20.55
CA LEU A 130 23.90 -20.75 20.15
C LEU A 130 23.76 -21.75 21.27
N GLU A 131 22.62 -22.45 21.26
CA GLU A 131 22.35 -23.52 22.21
C GLU A 131 21.57 -24.60 21.48
N GLY A 132 22.27 -25.65 21.07
CA GLY A 132 21.66 -26.71 20.29
C GLY A 132 21.27 -26.22 18.92
N GLU A 133 19.99 -26.37 18.59
CA GLU A 133 19.46 -25.96 17.29
C GLU A 133 18.77 -24.60 17.39
N ARG A 134 19.11 -23.84 18.42
CA ARG A 134 18.50 -22.54 18.66
C ARG A 134 19.55 -21.44 18.75
N MET A 135 19.15 -20.23 18.41
CA MET A 135 19.99 -19.06 18.63
C MET A 135 19.35 -18.19 19.69
N LEU A 136 20.14 -17.82 20.69
CA LEU A 136 19.65 -17.03 21.80
C LEU A 136 20.08 -15.58 21.64
N VAL A 137 19.11 -14.68 21.85
CA VAL A 137 19.37 -13.25 21.76
C VAL A 137 18.97 -12.61 23.08
N ARG A 138 19.92 -11.92 23.69
CA ARG A 138 19.66 -11.24 24.96
C ARG A 138 20.06 -9.77 24.90
N SER A 139 19.23 -8.97 25.57
CA SER A 139 19.48 -7.55 25.72
C SER A 139 18.68 -7.06 26.91
N GLY A 140 19.37 -6.53 27.91
CA GLY A 140 18.74 -6.22 29.17
C GLY A 140 18.07 -7.46 29.72
N ARG A 141 16.77 -7.35 29.99
CA ARG A 141 15.99 -8.49 30.47
C ARG A 141 15.01 -8.96 29.39
N SER A 142 15.42 -8.83 28.13
CA SER A 142 14.68 -9.36 27.00
C SER A 142 15.40 -10.58 26.47
N ARG A 143 14.74 -11.73 26.48
CA ARG A 143 15.34 -12.96 25.97
C ARG A 143 14.54 -13.54 24.81
N PHE A 144 15.25 -14.00 23.79
CA PHE A 144 14.62 -14.57 22.61
C PHE A 144 15.30 -15.87 22.20
N SER A 145 14.50 -16.81 21.74
CA SER A 145 15.01 -18.10 21.28
C SER A 145 14.51 -18.33 19.86
N LEU A 146 15.43 -18.27 18.90
CA LEU A 146 15.10 -18.44 17.49
C LEU A 146 15.59 -19.79 16.99
N SER A 147 14.79 -20.41 16.13
CA SER A 147 15.18 -21.68 15.53
C SER A 147 16.15 -21.41 14.39
N THR A 148 17.03 -22.37 14.13
CA THR A 148 18.08 -22.20 13.14
C THR A 148 18.06 -23.28 12.09
N LEU A 149 18.78 -23.03 11.00
CA LEU A 149 19.04 -24.04 10.00
C LEU A 149 20.55 -24.07 9.78
N PRO A 150 21.11 -25.27 9.52
CA PRO A 150 22.57 -25.38 9.38
C PRO A 150 23.14 -24.39 8.38
N ALA A 151 24.25 -23.76 8.73
CA ALA A 151 24.92 -22.83 7.82
C ALA A 151 25.34 -23.55 6.54
N ALA A 152 25.63 -24.85 6.68
CA ALA A 152 26.08 -25.66 5.55
C ALA A 152 25.02 -25.73 4.46
N ASP A 153 23.75 -25.62 4.84
CA ASP A 153 22.65 -25.73 3.90
C ASP A 153 22.35 -24.41 3.19
N PHE A 154 22.98 -23.32 3.65
CA PHE A 154 22.75 -22.01 3.06
C PHE A 154 23.38 -21.95 1.67
N PRO A 155 22.63 -21.49 0.66
CA PRO A 155 23.22 -21.45 -0.68
C PRO A 155 24.39 -20.50 -0.77
N ASN A 156 25.45 -20.92 -1.44
CA ASN A 156 26.57 -20.05 -1.76
C ASN A 156 26.63 -19.84 -3.25
N LEU A 157 26.66 -18.57 -3.68
CA LEU A 157 26.77 -18.27 -5.09
C LEU A 157 28.03 -18.89 -5.66
N ASP A 158 27.90 -19.54 -6.81
CA ASP A 158 29.01 -20.21 -7.45
C ASP A 158 30.10 -19.20 -7.75
N ASP A 159 31.34 -19.52 -7.37
CA ASP A 159 32.47 -18.66 -7.66
C ASP A 159 32.55 -18.37 -9.16
N TRP A 160 33.15 -17.24 -9.48
CA TRP A 160 33.26 -16.78 -10.85
C TRP A 160 34.42 -15.80 -10.94
N GLN A 161 34.82 -15.45 -12.15
CA GLN A 161 35.92 -14.53 -12.36
C GLN A 161 35.44 -13.30 -13.10
N SER A 162 35.80 -12.14 -12.57
CA SER A 162 35.43 -10.87 -13.19
C SER A 162 36.23 -10.68 -14.47
N GLU A 163 35.64 -9.98 -15.43
CA GLU A 163 36.28 -9.68 -16.69
C GLU A 163 36.56 -8.19 -16.78
N VAL A 164 35.94 -7.44 -15.87
CA VAL A 164 36.07 -5.99 -15.83
C VAL A 164 35.95 -5.52 -14.39
N GLU A 165 36.92 -4.72 -13.96
CA GLU A 165 36.88 -4.08 -12.65
C GLU A 165 37.08 -2.58 -12.82
N PHE A 166 36.38 -1.82 -12.01
CA PHE A 166 36.54 -0.37 -12.00
C PHE A 166 35.83 0.18 -10.79
N THR A 167 36.18 1.41 -10.44
CA THR A 167 35.56 2.09 -9.32
C THR A 167 35.03 3.43 -9.78
N LEU A 168 33.94 3.86 -9.17
CA LEU A 168 33.32 5.13 -9.53
C LEU A 168 32.60 5.70 -8.33
N PRO A 169 32.32 7.01 -8.36
CA PRO A 169 31.58 7.61 -7.25
C PRO A 169 30.17 7.05 -7.15
N GLN A 170 29.66 6.90 -5.92
CA GLN A 170 28.30 6.42 -5.70
C GLN A 170 27.29 7.28 -6.44
N ALA A 171 27.48 8.60 -6.35
CA ALA A 171 26.57 9.57 -6.94
C ALA A 171 26.43 9.35 -8.44
N THR A 172 27.48 8.84 -9.07
CA THR A 172 27.46 8.58 -10.50
C THR A 172 26.57 7.37 -10.80
N MET A 173 26.72 6.32 -10.00
CA MET A 173 25.87 5.14 -10.16
C MET A 173 24.42 5.49 -9.89
N LYS A 174 24.19 6.34 -8.90
CA LYS A 174 22.85 6.76 -8.54
C LYS A 174 22.23 7.55 -9.68
N ARG A 175 23.04 8.40 -10.30
CA ARG A 175 22.61 9.20 -11.44
C ARG A 175 22.25 8.32 -12.63
N LEU A 176 23.16 7.40 -12.97
CA LEU A 176 22.96 6.49 -14.09
C LEU A 176 21.65 5.71 -13.96
N ILE A 177 21.36 5.26 -12.74
CA ILE A 177 20.20 4.41 -12.51
C ILE A 177 18.91 5.22 -12.46
N GLU A 178 18.92 6.33 -11.71
CA GLU A 178 17.73 7.15 -11.57
C GLU A 178 17.30 7.75 -12.90
N ALA A 179 18.26 7.95 -13.81
CA ALA A 179 17.99 8.55 -15.10
C ALA A 179 17.23 7.60 -16.03
N THR A 180 17.28 6.31 -15.74
CA THR A 180 16.76 5.30 -16.67
C THR A 180 15.81 4.27 -16.05
N GLN A 181 15.83 4.14 -14.74
CA GLN A 181 15.10 3.06 -14.05
C GLN A 181 13.63 3.00 -14.42
N PHE A 182 13.00 4.16 -14.56
CA PHE A 182 11.55 4.21 -14.76
C PHE A 182 11.11 3.65 -16.11
N SER A 183 12.05 3.45 -17.02
CA SER A 183 11.73 2.99 -18.37
C SER A 183 11.82 1.47 -18.52
N MET A 184 12.21 0.79 -17.46
CA MET A 184 12.33 -0.70 -17.41
C MET A 184 10.95 -1.38 -17.51
N ALA A 185 10.84 -2.44 -18.21
CA ALA A 185 9.57 -3.15 -18.33
C ALA A 185 9.16 -3.73 -16.98
N HIS A 186 7.86 -3.94 -16.81
CA HIS A 186 7.33 -4.60 -15.62
C HIS A 186 6.63 -5.90 -15.99
N GLN A 187 7.18 -7.01 -15.53
CA GLN A 187 6.59 -8.33 -15.75
C GLN A 187 6.33 -8.59 -17.23
N ASP A 188 7.25 -8.13 -18.08
CA ASP A 188 7.21 -8.43 -19.51
C ASP A 188 7.62 -9.88 -19.70
N VAL A 189 7.08 -10.53 -20.73
CA VAL A 189 7.45 -11.92 -21.00
C VAL A 189 8.87 -11.97 -21.57
N ARG A 190 9.36 -10.81 -22.02
CA ARG A 190 10.76 -10.66 -22.41
C ARG A 190 11.55 -10.23 -21.19
N TYR A 191 12.17 -11.20 -20.51
CA TYR A 191 12.80 -10.96 -19.23
C TYR A 191 13.95 -9.96 -19.29
N TYR A 192 14.59 -9.87 -20.46
CA TYR A 192 15.72 -8.95 -20.60
C TYR A 192 15.27 -7.49 -20.59
N LEU A 193 13.99 -7.24 -20.88
CA LEU A 193 13.45 -5.88 -20.84
C LEU A 193 13.07 -5.47 -19.42
N ASN A 194 12.93 -6.45 -18.55
CA ASN A 194 12.58 -6.16 -17.15
C ASN A 194 13.80 -5.75 -16.35
N GLY A 195 14.98 -5.88 -16.94
CA GLY A 195 16.23 -5.50 -16.28
C GLY A 195 16.78 -4.22 -16.89
N MET A 196 18.00 -3.87 -16.50
CA MET A 196 18.66 -2.67 -17.00
C MET A 196 19.99 -3.05 -17.64
N LEU A 197 20.24 -2.52 -18.83
CA LEU A 197 21.50 -2.76 -19.52
C LEU A 197 22.58 -1.89 -18.90
N PHE A 198 23.68 -2.51 -18.46
CA PHE A 198 24.88 -1.79 -18.06
C PHE A 198 25.93 -2.01 -19.14
N GLU A 199 26.49 -0.93 -19.68
CA GLU A 199 27.43 -1.03 -20.78
C GLU A 199 28.68 -0.18 -20.56
N THR A 200 29.83 -0.81 -20.73
CA THR A 200 31.11 -0.12 -20.64
C THR A 200 31.67 0.11 -22.03
N GLU A 201 31.89 1.37 -22.38
CA GLU A 201 32.45 1.74 -23.68
C GLU A 201 33.43 2.89 -23.53
N GLY A 202 34.68 2.66 -23.92
CA GLY A 202 35.71 3.67 -23.80
C GLY A 202 35.95 4.03 -22.35
N GLU A 203 35.58 5.25 -21.98
CA GLU A 203 35.74 5.72 -20.61
C GLU A 203 34.40 5.87 -19.89
N GLU A 204 33.33 5.47 -20.55
CA GLU A 204 32.01 5.70 -20.02
C GLU A 204 31.31 4.43 -19.58
N LEU A 205 30.52 4.58 -18.52
CA LEU A 205 29.58 3.57 -18.11
C LEU A 205 28.20 4.06 -18.52
N ARG A 206 27.45 3.18 -19.16
CA ARG A 206 26.15 3.55 -19.70
C ARG A 206 25.07 2.63 -19.19
N THR A 207 23.89 3.20 -18.91
CA THR A 207 22.71 2.40 -18.63
C THR A 207 21.66 2.64 -19.70
N VAL A 208 20.93 1.57 -20.03
CA VAL A 208 19.82 1.63 -20.96
C VAL A 208 18.66 0.83 -20.40
N ALA A 209 17.45 1.39 -20.50
CA ALA A 209 16.24 0.67 -20.11
C ALA A 209 15.13 0.95 -21.11
N THR A 210 14.33 -0.06 -21.39
CA THR A 210 13.18 0.11 -22.27
C THR A 210 12.16 -1.00 -22.08
N ASP A 211 10.90 -0.69 -22.42
CA ASP A 211 9.80 -1.63 -22.29
C ASP A 211 9.14 -1.87 -23.65
N GLY A 212 9.83 -1.47 -24.71
CA GLY A 212 9.32 -1.61 -26.06
C GLY A 212 8.49 -0.43 -26.50
N HIS A 213 8.09 0.41 -25.57
CA HIS A 213 7.25 1.55 -25.89
C HIS A 213 8.07 2.90 -25.73
N ARG A 214 8.85 3.01 -24.68
CA ARG A 214 9.76 4.12 -24.50
C ARG A 214 11.13 3.59 -24.13
N LEU A 215 12.13 4.41 -24.30
CA LEU A 215 13.56 4.07 -24.05
C LEU A 215 14.30 5.22 -23.26
N ALA A 216 15.14 4.92 -22.23
CA ALA A 216 15.99 5.85 -21.50
C ALA A 216 17.45 5.38 -21.56
N VAL A 217 18.32 6.27 -21.95
CA VAL A 217 19.75 5.94 -21.96
C VAL A 217 20.51 7.05 -21.26
N CYS A 218 21.55 6.66 -20.52
CA CYS A 218 22.38 7.60 -19.79
C CYS A 218 23.79 7.08 -19.69
N SER A 219 24.77 7.94 -19.93
CA SER A 219 26.16 7.56 -19.84
C SER A 219 26.97 8.60 -19.07
N MET A 220 27.91 8.10 -18.26
CA MET A 220 28.77 8.96 -17.47
C MET A 220 30.23 8.56 -17.64
N PRO A 221 31.12 9.54 -17.86
CA PRO A 221 32.54 9.17 -17.85
C PRO A 221 32.98 8.82 -16.44
N ILE A 222 33.73 7.75 -16.30
CA ILE A 222 34.23 7.33 -15.02
C ILE A 222 35.73 7.41 -14.85
N GLY A 223 36.39 8.15 -15.72
CA GLY A 223 37.80 8.48 -15.59
C GLY A 223 38.80 7.37 -15.80
N GLN A 224 38.41 6.32 -16.53
CA GLN A 224 39.37 5.26 -16.87
C GLN A 224 38.93 4.48 -18.09
N SER A 225 39.91 3.98 -18.85
CA SER A 225 39.63 3.17 -20.02
C SER A 225 39.15 1.80 -19.59
N LEU A 226 38.09 1.32 -20.24
CA LEU A 226 37.50 0.03 -19.88
C LEU A 226 37.37 -0.91 -21.06
N PRO A 227 37.52 -2.21 -20.81
CA PRO A 227 37.20 -3.18 -21.86
C PRO A 227 35.73 -3.18 -22.19
N SER A 228 35.40 -3.37 -23.47
CA SER A 228 34.01 -3.34 -23.90
C SER A 228 33.22 -4.45 -23.24
N HIS A 229 32.06 -4.09 -22.69
CA HIS A 229 31.20 -5.07 -22.03
C HIS A 229 29.76 -4.57 -21.99
N SER A 230 28.82 -5.52 -22.02
CA SER A 230 27.41 -5.20 -22.12
C SER A 230 26.61 -6.29 -21.42
N VAL A 231 26.05 -5.95 -20.26
CA VAL A 231 25.31 -6.93 -19.46
C VAL A 231 23.95 -6.40 -19.05
N ILE A 232 23.05 -7.33 -18.71
CA ILE A 232 21.73 -6.97 -18.23
C ILE A 232 21.58 -7.35 -16.77
N VAL A 233 21.39 -6.33 -15.93
CA VAL A 233 21.15 -6.52 -14.51
C VAL A 233 19.65 -6.63 -14.29
N PRO A 234 19.19 -7.71 -13.63
CA PRO A 234 17.74 -7.80 -13.42
C PRO A 234 17.22 -6.70 -12.48
N ARG A 235 15.92 -6.45 -12.57
CA ARG A 235 15.26 -5.38 -11.83
C ARG A 235 15.58 -5.38 -10.34
N LYS A 236 15.44 -6.53 -9.70
CA LYS A 236 15.67 -6.63 -8.27
C LYS A 236 17.12 -6.27 -7.94
N GLY A 237 18.02 -6.59 -8.86
CA GLY A 237 19.42 -6.25 -8.70
C GLY A 237 19.63 -4.76 -8.74
N VAL A 238 18.96 -4.09 -9.68
CA VAL A 238 19.05 -2.64 -9.82
C VAL A 238 18.59 -1.93 -8.56
N ILE A 239 17.45 -2.37 -8.03
CA ILE A 239 16.89 -1.80 -6.82
C ILE A 239 17.85 -1.94 -5.65
N GLU A 240 18.37 -3.15 -5.46
CA GLU A 240 19.30 -3.41 -4.38
C GLU A 240 20.55 -2.55 -4.53
N LEU A 241 21.00 -2.43 -5.77
CA LEU A 241 22.18 -1.64 -6.09
C LEU A 241 21.98 -0.19 -5.66
N MET A 242 20.77 0.32 -5.88
CA MET A 242 20.41 1.65 -5.45
C MET A 242 20.31 1.78 -3.93
N ARG A 243 19.84 0.72 -3.28
CA ARG A 243 19.64 0.71 -1.84
C ARG A 243 20.94 0.71 -1.02
N MET A 244 22.04 0.27 -1.63
CA MET A 244 23.32 0.21 -0.93
C MET A 244 24.14 1.48 -1.12
N LEU A 245 23.60 2.44 -1.84
CA LEU A 245 24.24 3.75 -1.98
C LEU A 245 23.80 4.65 -0.83
N ASP A 246 24.75 5.10 -0.03
CA ASP A 246 24.45 5.84 1.19
C ASP A 246 24.76 7.33 1.07
N GLY A 247 24.96 7.80 -0.15
CA GLY A 247 25.27 9.20 -0.39
C GLY A 247 26.48 9.69 0.38
N GLY A 248 27.28 8.75 0.88
CA GLY A 248 28.51 9.07 1.59
C GLY A 248 29.60 9.34 0.58
N ASP A 249 30.86 9.17 0.99
CA ASP A 249 31.99 9.45 0.11
C ASP A 249 32.86 8.22 -0.15
N ASN A 250 32.45 7.06 0.39
CA ASN A 250 33.07 5.80 -0.01
C ASN A 250 32.83 5.58 -1.49
N PRO A 251 33.87 5.24 -2.26
CA PRO A 251 33.55 4.99 -3.67
C PRO A 251 32.90 3.61 -3.86
N LEU A 252 32.41 3.38 -5.09
CA LEU A 252 31.76 2.12 -5.46
C LEU A 252 32.70 1.36 -6.32
N ARG A 253 33.00 0.10 -5.92
CA ARG A 253 33.89 -0.77 -6.67
C ARG A 253 33.07 -1.88 -7.34
N VAL A 254 33.07 -1.87 -8.68
CA VAL A 254 32.25 -2.81 -9.45
C VAL A 254 33.10 -3.87 -10.12
N GLN A 255 32.58 -5.09 -10.12
CA GLN A 255 33.15 -6.20 -10.87
C GLN A 255 32.09 -6.80 -11.76
N ILE A 256 32.40 -6.93 -13.04
CA ILE A 256 31.48 -7.54 -13.99
C ILE A 256 32.11 -8.78 -14.60
N GLY A 257 31.37 -9.89 -14.52
CA GLY A 257 31.77 -11.15 -15.12
C GLY A 257 30.85 -11.44 -16.30
N SER A 258 30.95 -12.63 -16.86
CA SER A 258 30.09 -13.00 -17.98
C SER A 258 28.65 -13.20 -17.54
N ASN A 259 28.46 -13.68 -16.31
CA ASN A 259 27.14 -14.05 -15.83
C ASN A 259 26.78 -13.48 -14.46
N ASN A 260 27.69 -12.70 -13.89
CA ASN A 260 27.45 -12.08 -12.58
C ASN A 260 27.97 -10.66 -12.53
N ILE A 261 27.40 -9.86 -11.65
CA ILE A 261 27.91 -8.54 -11.35
C ILE A 261 28.07 -8.43 -9.85
N ARG A 262 29.09 -7.70 -9.42
CA ARG A 262 29.34 -7.50 -8.01
C ARG A 262 29.66 -6.05 -7.71
N ALA A 263 29.09 -5.54 -6.62
CA ALA A 263 29.28 -4.17 -6.22
C ALA A 263 29.67 -4.10 -4.76
N HIS A 264 30.77 -3.39 -4.47
CA HIS A 264 31.29 -3.24 -3.10
C HIS A 264 31.18 -1.78 -2.66
N VAL A 265 30.52 -1.53 -1.55
CA VAL A 265 30.43 -0.20 -0.94
C VAL A 265 30.63 -0.29 0.55
N GLY A 266 31.77 0.21 1.02
CA GLY A 266 32.08 0.19 2.44
C GLY A 266 32.06 -1.23 2.97
N ASP A 267 31.10 -1.52 3.85
CA ASP A 267 31.00 -2.83 4.47
C ASP A 267 30.01 -3.76 3.77
N PHE A 268 29.50 -3.33 2.61
CA PHE A 268 28.50 -4.12 1.89
C PHE A 268 29.01 -4.63 0.56
N ILE A 269 28.71 -5.89 0.29
CA ILE A 269 29.03 -6.52 -0.99
C ILE A 269 27.77 -7.10 -1.59
N PHE A 270 27.38 -6.56 -2.74
CA PHE A 270 26.21 -7.02 -3.45
C PHE A 270 26.63 -7.82 -4.68
N THR A 271 26.05 -9.01 -4.84
CA THR A 271 26.31 -9.84 -6.02
C THR A 271 25.00 -10.26 -6.66
N SER A 272 24.95 -10.18 -7.98
CA SER A 272 23.74 -10.50 -8.73
C SER A 272 24.04 -11.27 -10.00
N LYS A 273 23.22 -12.28 -10.29
CA LYS A 273 23.25 -12.93 -11.59
C LYS A 273 22.78 -11.95 -12.64
N LEU A 274 23.30 -12.11 -13.85
CA LEU A 274 22.87 -11.30 -14.98
C LEU A 274 21.77 -11.99 -15.76
N VAL A 275 21.03 -11.20 -16.53
CA VAL A 275 19.98 -11.70 -17.40
C VAL A 275 20.54 -11.78 -18.81
N ASP A 276 20.30 -12.90 -19.49
CA ASP A 276 20.74 -13.05 -20.87
C ASP A 276 19.59 -12.77 -21.82
N GLY A 277 19.94 -12.34 -23.03
CA GLY A 277 18.96 -11.99 -24.03
C GLY A 277 19.54 -10.96 -24.96
N ARG A 278 18.84 -10.66 -26.04
CA ARG A 278 19.31 -9.67 -27.00
C ARG A 278 18.66 -8.31 -26.68
N PHE A 279 19.35 -7.51 -25.89
CA PHE A 279 18.82 -6.20 -25.51
C PHE A 279 18.88 -5.27 -26.72
N PRO A 280 17.85 -4.43 -26.90
CA PRO A 280 17.87 -3.58 -28.10
C PRO A 280 19.01 -2.57 -28.10
N ASP A 281 19.41 -2.17 -29.30
CA ASP A 281 20.48 -1.18 -29.47
C ASP A 281 19.87 0.22 -29.50
N TYR A 282 20.18 1.01 -28.48
CA TYR A 282 19.60 2.34 -28.35
C TYR A 282 20.01 3.24 -29.51
N ARG A 283 21.17 2.97 -30.09
CA ARG A 283 21.66 3.74 -31.24
C ARG A 283 20.65 3.76 -32.38
N ARG A 284 19.97 2.64 -32.59
CA ARG A 284 18.99 2.51 -33.65
C ARG A 284 17.66 3.13 -33.26
N VAL A 285 17.40 3.25 -31.96
CA VAL A 285 16.13 3.77 -31.46
C VAL A 285 16.13 5.30 -31.50
N LEU A 286 17.30 5.91 -31.30
CA LEU A 286 17.40 7.36 -31.35
C LEU A 286 17.03 7.85 -32.75
N PRO A 287 16.32 8.99 -32.83
CA PRO A 287 15.99 9.51 -34.17
C PRO A 287 17.25 9.79 -34.97
N LYS A 288 17.25 9.39 -36.23
CA LYS A 288 18.44 9.49 -37.08
C LYS A 288 18.91 10.94 -37.08
N ASN A 289 18.11 11.83 -37.65
CA ASN A 289 18.49 13.25 -37.73
C ASN A 289 17.32 14.20 -37.49
N PRO A 290 17.15 14.65 -36.23
CA PRO A 290 16.06 15.59 -35.91
C PRO A 290 16.31 16.97 -36.49
N ASP A 291 15.46 17.39 -37.42
CA ASP A 291 15.62 18.69 -38.09
C ASP A 291 14.92 19.83 -37.35
N LYS A 292 14.11 19.50 -36.36
CA LYS A 292 13.47 20.51 -35.53
C LYS A 292 13.76 20.28 -34.06
N HIS A 293 13.87 21.38 -33.32
CA HIS A 293 14.05 21.31 -31.88
C HIS A 293 13.24 22.38 -31.18
N LEU A 294 12.83 22.06 -29.96
CA LEU A 294 12.00 22.93 -29.15
C LEU A 294 12.59 22.96 -27.75
N GLU A 295 12.70 24.14 -27.17
CA GLU A 295 13.19 24.27 -25.82
C GLU A 295 12.12 24.90 -24.95
N ALA A 296 12.08 24.52 -23.67
CA ALA A 296 11.06 25.00 -22.75
C ALA A 296 11.45 24.76 -21.30
N GLY A 297 10.88 25.56 -20.41
CA GLY A 297 11.10 25.37 -18.99
C GLY A 297 10.51 24.03 -18.57
N CYS A 298 11.30 23.22 -17.88
CA CYS A 298 10.90 21.87 -17.52
C CYS A 298 9.66 21.87 -16.63
N ASP A 299 9.70 22.63 -15.54
CA ASP A 299 8.59 22.66 -14.59
C ASP A 299 7.31 23.16 -15.24
N LEU A 300 7.41 24.24 -16.02
CA LEU A 300 6.24 24.78 -16.72
C LEU A 300 5.65 23.75 -17.67
N LEU A 301 6.54 23.07 -18.39
CA LEU A 301 6.11 22.09 -19.38
C LEU A 301 5.46 20.89 -18.69
N LYS A 302 6.04 20.46 -17.58
CA LYS A 302 5.51 19.33 -16.84
C LYS A 302 4.13 19.61 -16.27
N GLN A 303 3.96 20.78 -15.65
CA GLN A 303 2.68 21.15 -15.06
C GLN A 303 1.60 21.25 -16.12
N ALA A 304 1.97 21.72 -17.31
CA ALA A 304 1.02 21.85 -18.40
C ALA A 304 0.54 20.48 -18.87
N PHE A 305 1.49 19.57 -19.08
CA PHE A 305 1.17 18.20 -19.47
C PHE A 305 0.35 17.50 -18.39
N ALA A 306 0.73 17.69 -17.13
CA ALA A 306 0.07 17.03 -16.02
C ALA A 306 -1.40 17.41 -15.93
N ARG A 307 -1.70 18.69 -16.15
CA ARG A 307 -3.08 19.15 -16.13
C ARG A 307 -3.85 18.66 -17.36
N ALA A 308 -3.17 18.66 -18.50
CA ALA A 308 -3.78 18.20 -19.74
C ALA A 308 -4.09 16.70 -19.66
N ALA A 309 -3.19 15.97 -19.02
CA ALA A 309 -3.34 14.52 -18.84
C ALA A 309 -4.68 14.16 -18.20
N ILE A 310 -5.12 14.99 -17.27
CA ILE A 310 -6.34 14.75 -16.49
C ILE A 310 -7.55 14.47 -17.39
N LEU A 311 -7.60 15.10 -18.55
CA LEU A 311 -8.73 14.96 -19.47
C LEU A 311 -8.35 14.22 -20.75
N SER A 312 -7.32 13.40 -20.67
CA SER A 312 -6.93 12.55 -21.79
C SER A 312 -7.58 11.19 -21.64
N ASN A 313 -7.67 10.45 -22.75
CA ASN A 313 -8.20 9.09 -22.73
C ASN A 313 -7.46 8.26 -21.69
N GLU A 314 -8.23 7.60 -20.81
CA GLU A 314 -7.67 6.85 -19.71
C GLU A 314 -6.82 5.67 -20.16
N LYS A 315 -7.19 5.08 -21.30
CA LYS A 315 -6.48 3.92 -21.82
C LYS A 315 -5.25 4.35 -22.64
N PHE A 316 -5.45 5.28 -23.56
CA PHE A 316 -4.43 5.64 -24.53
C PHE A 316 -3.60 6.86 -24.13
N ARG A 317 -4.17 7.72 -23.29
CA ARG A 317 -3.42 8.82 -22.70
C ARG A 317 -2.77 9.72 -23.75
N GLY A 318 -3.44 9.90 -24.88
CA GLY A 318 -2.91 10.71 -25.96
C GLY A 318 -3.21 12.19 -25.82
N VAL A 319 -2.19 13.01 -26.03
CA VAL A 319 -2.33 14.46 -26.10
C VAL A 319 -1.73 14.97 -27.40
N ARG A 320 -2.23 16.11 -27.89
CA ARG A 320 -1.71 16.72 -29.11
C ARG A 320 -0.87 17.95 -28.80
N LEU A 321 0.27 18.05 -29.47
CA LEU A 321 1.08 19.26 -29.43
C LEU A 321 0.87 20.07 -30.70
N TYR A 322 0.66 21.37 -30.53
CA TYR A 322 0.63 22.30 -31.66
C TYR A 322 1.77 23.28 -31.50
N VAL A 323 2.83 23.06 -32.27
CA VAL A 323 4.04 23.85 -32.16
C VAL A 323 4.03 24.95 -33.21
N SER A 324 4.25 26.18 -32.77
CA SER A 324 4.36 27.31 -33.68
C SER A 324 5.45 28.23 -33.17
N GLU A 325 5.64 29.38 -33.81
CA GLU A 325 6.75 30.26 -33.49
C GLU A 325 6.72 30.67 -32.01
N ASN A 326 7.67 30.14 -31.26
CA ASN A 326 7.82 30.41 -29.84
C ASN A 326 6.53 30.19 -29.03
N GLN A 327 5.73 29.22 -29.44
CA GLN A 327 4.51 28.89 -28.72
C GLN A 327 4.18 27.42 -28.83
N LEU A 328 3.80 26.83 -27.70
CA LEU A 328 3.39 25.43 -27.63
C LEU A 328 1.99 25.34 -27.07
N LYS A 329 1.09 24.74 -27.84
CA LYS A 329 -0.25 24.44 -27.36
C LYS A 329 -0.40 22.95 -27.18
N ILE A 330 -0.89 22.56 -25.99
CA ILE A 330 -1.15 21.16 -25.69
C ILE A 330 -2.65 20.98 -25.51
N THR A 331 -3.20 19.95 -26.13
CA THR A 331 -4.61 19.63 -25.98
C THR A 331 -4.80 18.17 -25.65
N ALA A 332 -5.96 17.88 -25.09
CA ALA A 332 -6.34 16.53 -24.75
C ALA A 332 -7.84 16.45 -24.66
N ASN A 333 -8.39 15.32 -25.08
CA ASN A 333 -9.81 15.07 -24.92
C ASN A 333 -10.03 13.58 -24.68
N ASN A 334 -11.19 13.27 -24.12
CA ASN A 334 -11.51 11.90 -23.75
C ASN A 334 -12.81 11.47 -24.43
N PRO A 335 -13.22 10.21 -24.25
CA PRO A 335 -14.46 9.78 -24.90
C PRO A 335 -15.69 10.57 -24.47
N GLU A 336 -15.72 11.08 -23.25
CA GLU A 336 -16.84 11.90 -22.79
C GLU A 336 -16.80 13.32 -23.36
N GLN A 337 -15.91 13.54 -24.33
CA GLN A 337 -15.81 14.81 -25.05
C GLN A 337 -15.40 15.97 -24.12
N GLU A 338 -14.88 15.63 -22.95
CA GLU A 338 -14.24 16.63 -22.10
C GLU A 338 -12.94 17.04 -22.78
N GLU A 339 -12.45 18.23 -22.47
CA GLU A 339 -11.40 18.84 -23.26
C GLU A 339 -10.46 19.71 -22.41
N ALA A 340 -9.16 19.58 -22.65
CA ALA A 340 -8.16 20.38 -21.96
C ALA A 340 -7.32 21.14 -22.99
N GLU A 341 -6.86 22.33 -22.61
CA GLU A 341 -5.95 23.11 -23.44
C GLU A 341 -4.95 23.88 -22.59
N GLU A 342 -3.68 23.76 -22.96
CA GLU A 342 -2.61 24.53 -22.32
C GLU A 342 -1.80 25.25 -23.38
N ILE A 343 -1.62 26.56 -23.19
CA ILE A 343 -0.75 27.35 -24.06
C ILE A 343 0.37 27.92 -23.21
N LEU A 344 1.60 27.67 -23.63
CA LEU A 344 2.76 28.19 -22.91
C LEU A 344 3.83 28.69 -23.88
N ASP A 345 4.71 29.53 -23.38
CA ASP A 345 5.79 30.08 -24.18
C ASP A 345 6.94 29.08 -24.25
N VAL A 346 7.44 28.87 -25.45
CA VAL A 346 8.58 28.00 -25.68
C VAL A 346 9.54 28.71 -26.62
N THR A 347 10.76 28.20 -26.70
CA THR A 347 11.71 28.69 -27.69
C THR A 347 11.62 27.79 -28.91
N TYR A 348 11.06 28.30 -29.99
CA TYR A 348 10.93 27.52 -31.20
C TYR A 348 10.80 28.39 -32.46
N SER A 349 11.70 28.13 -33.40
CA SER A 349 11.65 28.70 -34.73
C SER A 349 11.62 27.54 -35.71
N GLY A 350 10.78 27.63 -36.73
CA GLY A 350 10.60 26.53 -37.65
C GLY A 350 9.16 26.46 -38.11
N ALA A 351 8.87 25.47 -38.96
CA ALA A 351 7.53 25.31 -39.48
C ALA A 351 6.59 24.83 -38.39
N GLU A 352 5.34 25.26 -38.47
CA GLU A 352 4.32 24.76 -37.56
C GLU A 352 4.18 23.27 -37.75
N MET A 353 3.96 22.53 -36.66
CA MET A 353 3.78 21.10 -36.74
C MET A 353 2.88 20.59 -35.63
N GLU A 354 2.12 19.55 -35.96
CA GLU A 354 1.23 18.90 -35.01
C GLU A 354 1.72 17.48 -34.76
N ILE A 355 1.89 17.14 -33.49
CA ILE A 355 2.38 15.82 -33.11
C ILE A 355 1.68 15.34 -31.84
N GLY A 356 1.50 14.03 -31.72
CA GLY A 356 0.80 13.45 -30.58
C GLY A 356 1.69 12.57 -29.74
N PHE A 357 1.38 12.51 -28.44
CA PHE A 357 2.14 11.67 -27.53
C PHE A 357 1.28 11.00 -26.48
N ASN A 358 1.78 9.87 -25.99
CA ASN A 358 1.31 9.28 -24.74
C ASN A 358 1.83 10.16 -23.60
N VAL A 359 0.94 10.89 -22.95
CA VAL A 359 1.36 11.92 -21.99
C VAL A 359 2.03 11.31 -20.75
N SER A 360 1.68 10.08 -20.42
CA SER A 360 2.28 9.41 -19.26
C SER A 360 3.77 9.18 -19.47
N TYR A 361 4.16 8.82 -20.68
CA TYR A 361 5.57 8.57 -20.97
C TYR A 361 6.35 9.89 -20.98
N VAL A 362 5.72 10.95 -21.49
CA VAL A 362 6.36 12.27 -21.50
C VAL A 362 6.51 12.78 -20.07
N LEU A 363 5.48 12.58 -19.24
CA LEU A 363 5.53 13.03 -17.86
C LEU A 363 6.55 12.24 -17.05
N ASP A 364 6.73 10.97 -17.38
CA ASP A 364 7.79 10.18 -16.73
C ASP A 364 9.16 10.80 -17.03
N VAL A 365 9.39 11.14 -18.29
CA VAL A 365 10.67 11.71 -18.71
C VAL A 365 10.93 13.03 -18.00
N LEU A 366 9.93 13.90 -18.01
CA LEU A 366 10.09 15.24 -17.43
C LEU A 366 10.34 15.17 -15.93
N ASN A 367 9.74 14.20 -15.25
CA ASN A 367 10.00 14.01 -13.83
C ASN A 367 11.41 13.46 -13.58
N ALA A 368 11.95 12.72 -14.54
CA ALA A 368 13.27 12.13 -14.40
C ALA A 368 14.37 13.13 -14.76
N LEU A 369 14.03 14.18 -15.51
CA LEU A 369 15.04 15.14 -15.94
C LEU A 369 15.45 16.05 -14.79
N LYS A 370 14.48 16.59 -14.07
CA LYS A 370 14.76 17.41 -12.89
C LYS A 370 15.77 18.50 -13.24
N CYS A 371 15.44 19.27 -14.27
CA CYS A 371 16.32 20.31 -14.79
C CYS A 371 15.54 21.59 -15.02
N GLU A 372 16.25 22.62 -15.50
CA GLU A 372 15.63 23.92 -15.75
C GLU A 372 14.88 23.93 -17.07
N ASN A 373 15.60 23.62 -18.14
CA ASN A 373 15.02 23.64 -19.49
C ASN A 373 15.15 22.28 -20.17
N VAL A 374 14.20 22.00 -21.05
CA VAL A 374 14.09 20.72 -21.75
C VAL A 374 14.17 20.92 -23.25
N ARG A 375 14.93 20.08 -23.94
CA ARG A 375 14.98 20.11 -25.39
C ARG A 375 14.21 18.94 -25.98
N MET A 376 13.38 19.24 -26.97
CA MET A 376 12.56 18.24 -27.65
C MET A 376 12.91 18.20 -29.12
N MET A 377 13.67 17.19 -29.51
CA MET A 377 14.17 17.08 -30.87
C MET A 377 13.23 16.27 -31.72
N LEU A 378 12.57 16.95 -32.65
CA LEU A 378 11.56 16.34 -33.50
C LEU A 378 12.04 16.16 -34.92
N THR A 379 11.27 15.38 -35.67
CA THR A 379 11.45 15.25 -37.10
C THR A 379 10.07 15.34 -37.74
N ASP A 380 9.17 14.48 -37.29
CA ASP A 380 7.79 14.49 -37.72
C ASP A 380 7.04 13.40 -36.97
N SER A 381 5.75 13.24 -37.25
CA SER A 381 5.03 12.07 -36.80
C SER A 381 5.58 10.90 -37.60
N VAL A 382 5.31 9.68 -37.14
CA VAL A 382 5.86 8.46 -37.74
C VAL A 382 7.38 8.37 -37.54
N SER A 383 7.92 9.27 -36.71
CA SER A 383 9.35 9.30 -36.40
C SER A 383 9.57 9.53 -34.91
N SER A 384 10.49 8.76 -34.33
CA SER A 384 10.75 8.83 -32.90
C SER A 384 11.16 10.24 -32.47
N VAL A 385 10.84 10.57 -31.22
CA VAL A 385 11.15 11.87 -30.65
C VAL A 385 12.16 11.74 -29.52
N GLN A 386 13.21 12.54 -29.57
CA GLN A 386 14.24 12.52 -28.54
C GLN A 386 14.04 13.69 -27.57
N ILE A 387 14.23 13.42 -26.29
CA ILE A 387 14.06 14.43 -25.26
C ILE A 387 15.27 14.44 -24.33
N GLU A 388 15.76 15.65 -24.01
CA GLU A 388 16.98 15.81 -23.24
C GLU A 388 16.90 17.01 -22.31
N ASP A 389 17.81 17.06 -21.35
CA ASP A 389 18.08 18.28 -20.63
C ASP A 389 18.68 19.25 -21.65
N ALA A 390 18.16 20.47 -21.70
CA ALA A 390 18.67 21.46 -22.65
C ALA A 390 20.12 21.80 -22.34
N ALA A 391 20.52 21.60 -21.09
CA ALA A 391 21.86 21.97 -20.63
C ALA A 391 22.78 20.76 -20.47
N SER A 392 22.27 19.57 -20.77
CA SER A 392 23.05 18.34 -20.60
C SER A 392 22.59 17.24 -21.55
N GLN A 393 23.55 16.56 -22.15
CA GLN A 393 23.28 15.50 -23.12
C GLN A 393 23.71 14.14 -22.61
N SER A 394 23.98 14.05 -21.34
CA SER A 394 24.40 12.81 -20.70
C SER A 394 23.25 11.78 -20.82
N ALA A 395 22.00 12.26 -20.68
CA ALA A 395 20.84 11.39 -20.77
C ALA A 395 20.01 11.72 -22.00
N ALA A 396 19.36 10.70 -22.55
CA ALA A 396 18.47 10.87 -23.69
C ALA A 396 17.25 9.97 -23.52
N TYR A 397 16.10 10.44 -24.02
CA TYR A 397 14.85 9.70 -23.87
C TYR A 397 14.07 9.69 -25.17
N VAL A 398 13.64 8.50 -25.57
CA VAL A 398 12.88 8.33 -26.80
C VAL A 398 11.45 7.90 -26.51
N VAL A 399 10.52 8.63 -27.10
CA VAL A 399 9.11 8.27 -27.11
C VAL A 399 8.63 8.31 -28.54
N MET A 400 7.63 7.49 -28.84
CA MET A 400 7.13 7.41 -30.21
C MET A 400 5.91 8.29 -30.36
N PRO A 401 5.85 9.07 -31.46
CA PRO A 401 4.67 9.93 -31.60
C PRO A 401 3.40 9.13 -31.80
N MET A 402 2.28 9.78 -31.51
CA MET A 402 0.98 9.19 -31.64
C MET A 402 0.20 9.95 -32.70
N ARG A 403 -0.23 9.23 -33.72
CA ARG A 403 -0.92 9.84 -34.84
C ARG A 403 -2.41 9.71 -34.65
N LEU A 404 -3.10 10.86 -34.57
CA LEU A 404 -4.55 10.89 -34.39
C LEU A 404 -5.19 11.86 -35.39
N PRO A 426 -8.60 4.49 -43.77
CA PRO A 426 -7.50 3.64 -43.35
C PRO A 426 -7.14 3.99 -41.89
N VAL A 427 -6.90 3.03 -40.98
CA VAL A 427 -6.53 3.36 -39.56
C VAL A 427 -5.11 3.97 -39.60
N ALA A 429 -1.29 4.24 -38.90
CA ALA A 429 -0.30 3.21 -38.54
C ALA A 429 0.60 3.89 -37.54
N GLN A 430 0.68 3.38 -36.33
CA GLN A 430 1.54 3.94 -35.30
C GLN A 430 2.92 3.29 -35.36
N PRO A 431 3.98 4.08 -35.52
CA PRO A 431 5.30 3.46 -35.62
C PRO A 431 5.78 2.83 -34.31
N LEU A 432 6.45 1.68 -34.40
CA LEU A 432 7.00 1.01 -33.24
C LEU A 432 8.32 1.64 -32.83
N LEU A 433 8.56 1.71 -31.52
CA LEU A 433 9.84 2.16 -30.99
C LEU A 433 10.97 1.35 -31.59
N ILE A 434 10.79 0.03 -31.58
CA ILE A 434 11.76 -0.94 -32.07
C ILE A 434 11.05 -1.86 -33.06
N PRO A 435 11.35 -1.75 -34.36
CA PRO A 435 10.72 -2.65 -35.32
C PRO A 435 10.86 -4.11 -34.91
N LEU A 436 9.77 -4.85 -35.01
CA LEU A 436 9.72 -6.21 -34.49
C LEU A 436 10.07 -7.22 -35.56
N ARG A 437 11.26 -7.81 -35.43
CA ARG A 437 11.76 -8.76 -36.42
C ARG A 437 11.37 -10.16 -36.02
N LEU A 438 10.61 -10.83 -36.88
CA LEU A 438 10.09 -12.16 -36.59
C LEU A 438 10.51 -13.17 -37.63
N LYS A 439 10.84 -14.36 -37.17
CA LYS A 439 11.09 -15.51 -38.03
C LYS A 439 9.75 -16.03 -38.53
N VAL A 440 9.66 -16.32 -39.82
CA VAL A 440 8.42 -16.80 -40.41
C VAL A 440 8.68 -17.99 -41.32
N SER A 441 7.76 -18.96 -41.29
CA SER A 441 7.85 -20.12 -42.16
C SER A 441 7.42 -19.72 -43.57
N ALA A 442 7.65 -20.61 -44.53
CA ALA A 442 7.30 -20.35 -45.92
C ALA A 442 5.79 -20.16 -46.05
N GLU A 443 5.03 -20.98 -45.33
CA GLU A 443 3.57 -20.89 -45.32
C GLU A 443 3.11 -19.56 -44.73
N GLU A 444 3.73 -19.17 -43.62
CA GLU A 444 3.38 -17.92 -42.95
C GLU A 444 3.71 -16.72 -43.83
N LYS A 445 4.89 -16.76 -44.46
CA LYS A 445 5.30 -15.67 -45.33
C LYS A 445 4.34 -15.53 -46.50
N SER A 446 3.86 -16.66 -47.01
CA SER A 446 2.94 -16.67 -48.14
C SER A 446 1.63 -15.98 -47.78
N ALA A 447 1.08 -16.31 -46.60
CA ALA A 447 -0.14 -15.70 -46.13
C ALA A 447 0.06 -14.19 -45.91
N LEU A 448 1.21 -13.83 -45.38
CA LEU A 448 1.52 -12.42 -45.12
C LEU A 448 1.59 -11.63 -46.42
N GLU A 449 2.19 -12.22 -47.44
CA GLU A 449 2.25 -11.59 -48.75
C GLU A 449 0.84 -11.35 -49.30
N LYS A 450 -0.02 -12.35 -49.17
CA LYS A 450 -1.40 -12.24 -49.63
C LYS A 450 -2.17 -11.20 -48.83
N ALA A 451 -1.93 -11.16 -47.52
CA ALA A 451 -2.73 -10.37 -46.59
C ALA A 451 -2.20 -8.95 -46.38
N GLN A 452 -1.12 -8.60 -47.07
CA GLN A 452 -0.42 -7.36 -46.76
C GLN A 452 -1.26 -6.12 -47.02
N SER A 453 -2.01 -6.13 -48.12
CA SER A 453 -2.82 -4.98 -48.49
C SER A 453 -3.96 -4.79 -47.49
N ALA A 454 -4.56 -5.91 -47.08
CA ALA A 454 -5.63 -5.87 -46.10
C ALA A 454 -5.11 -5.40 -44.74
N LEU A 455 -3.96 -5.93 -44.35
CA LEU A 455 -3.34 -5.55 -43.08
C LEU A 455 -2.94 -4.07 -43.07
N ALA A 456 -2.48 -3.57 -44.20
CA ALA A 456 -2.11 -2.16 -44.32
C ALA A 456 -3.32 -1.27 -44.05
N GLU A 457 -4.51 -1.72 -44.45
CA GLU A 457 -5.73 -0.96 -44.23
C GLU A 457 -6.04 -0.86 -42.73
N LEU A 458 -5.49 -1.78 -41.95
CA LEU A 458 -5.71 -1.81 -40.52
C LEU A 458 -4.60 -1.06 -39.77
N GLY A 459 -3.71 -0.42 -40.52
CA GLY A 459 -2.63 0.35 -39.93
C GLY A 459 -1.44 -0.51 -39.58
N ILE A 460 -1.41 -1.73 -40.12
CA ILE A 460 -0.29 -2.65 -39.91
C ILE A 460 0.65 -2.60 -41.09
N ASP A 461 1.86 -2.10 -40.84
CA ASP A 461 2.89 -2.00 -41.87
C ASP A 461 4.03 -2.94 -41.55
N PHE A 462 4.53 -3.65 -42.55
CA PHE A 462 5.69 -4.51 -42.34
C PHE A 462 6.53 -4.68 -43.59
N GLN A 463 7.82 -4.86 -43.35
CA GLN A 463 8.78 -5.24 -44.37
C GLN A 463 8.99 -6.75 -44.28
N SER A 464 9.48 -7.34 -45.35
CA SER A 464 9.82 -8.76 -45.33
C SER A 464 11.12 -9.00 -46.07
N ASP A 465 11.87 -9.94 -45.54
CA ASP A 465 13.17 -10.33 -46.09
C ASP A 465 13.19 -11.89 -46.29
N ALA A 466 14.29 -12.55 -46.67
CA ALA A 466 14.14 -14.02 -46.99
C ALA A 466 13.19 -14.95 -46.11
N GLN A 467 13.43 -15.05 -44.79
CA GLN A 467 12.63 -15.87 -43.81
C GLN A 467 12.21 -15.07 -42.59
N HIS A 468 12.19 -13.77 -42.74
CA HIS A 468 11.76 -12.93 -41.64
C HIS A 468 10.80 -11.86 -42.12
N VAL A 469 10.01 -11.34 -41.19
CA VAL A 469 9.16 -10.20 -41.43
C VAL A 469 9.44 -9.18 -40.34
N THR A 470 9.43 -7.90 -40.70
CA THR A 470 9.70 -6.84 -39.73
C THR A 470 8.50 -5.91 -39.61
N ILE A 471 7.79 -5.99 -38.49
CA ILE A 471 6.69 -5.08 -38.23
C ILE A 471 7.24 -3.70 -37.88
N ARG A 472 6.74 -2.69 -38.59
CA ARG A 472 7.22 -1.33 -38.42
C ARG A 472 6.15 -0.42 -37.83
N ALA A 473 4.90 -0.82 -37.97
CA ALA A 473 3.79 -0.02 -37.48
C ALA A 473 2.54 -0.88 -37.26
N VAL A 474 1.72 -0.45 -36.33
CA VAL A 474 0.47 -1.12 -36.00
C VAL A 474 -0.53 -0.07 -35.55
N PRO A 475 -1.84 -0.39 -35.54
CA PRO A 475 -2.76 0.60 -34.98
C PRO A 475 -2.50 0.80 -33.50
N LEU A 476 -2.97 1.92 -32.95
CA LEU A 476 -2.60 2.32 -31.60
C LEU A 476 -2.93 1.29 -30.52
N PRO A 477 -4.13 0.68 -30.56
CA PRO A 477 -4.46 -0.24 -29.48
C PRO A 477 -3.49 -1.42 -29.40
N LEU A 478 -2.93 -1.80 -30.55
CA LEU A 478 -1.96 -2.89 -30.59
C LEU A 478 -0.59 -2.44 -30.10
N ARG A 479 -0.19 -1.21 -30.46
CA ARG A 479 1.13 -0.71 -30.10
C ARG A 479 1.32 -0.60 -28.60
N GLN A 480 0.26 -0.29 -27.88
CA GLN A 480 0.34 -0.09 -26.43
C GLN A 480 0.34 -1.42 -25.69
N GLN A 481 0.31 -2.51 -26.44
CA GLN A 481 0.42 -3.86 -25.88
C GLN A 481 1.76 -4.49 -26.26
N ASN A 482 1.93 -5.76 -25.93
CA ASN A 482 3.16 -6.49 -26.22
C ASN A 482 3.05 -7.21 -27.56
N LEU A 483 3.66 -6.63 -28.59
CA LEU A 483 3.59 -7.18 -29.93
C LEU A 483 4.42 -8.45 -30.09
N GLN A 484 5.35 -8.70 -29.17
CA GLN A 484 6.13 -9.92 -29.21
C GLN A 484 5.23 -11.14 -29.01
N ILE A 485 4.10 -10.92 -28.33
CA ILE A 485 3.13 -11.97 -28.09
C ILE A 485 2.03 -11.94 -29.14
N LEU A 486 1.48 -10.75 -29.30
CA LEU A 486 0.32 -10.57 -30.18
C LEU A 486 0.55 -10.89 -31.70
N ILE A 487 1.66 -10.43 -32.23
CA ILE A 487 1.89 -10.56 -33.66
C ILE A 487 2.18 -12.00 -34.11
N PRO A 488 3.03 -12.74 -33.37
CA PRO A 488 3.24 -14.13 -33.79
C PRO A 488 1.94 -14.93 -33.75
N GLU A 489 1.02 -14.51 -32.88
CA GLU A 489 -0.30 -15.12 -32.81
C GLU A 489 -1.11 -14.77 -34.06
N LEU A 490 -1.17 -13.48 -34.37
CA LEU A 490 -1.86 -13.01 -35.57
C LEU A 490 -1.33 -13.67 -36.83
N ILE A 491 -0.01 -13.80 -36.94
CA ILE A 491 0.59 -14.42 -38.10
C ILE A 491 0.14 -15.87 -38.20
N GLY A 492 0.00 -16.52 -37.05
CA GLY A 492 -0.49 -17.89 -37.01
C GLY A 492 -1.88 -17.95 -37.60
N TYR A 493 -2.71 -16.96 -37.25
CA TYR A 493 -4.08 -16.89 -37.74
C TYR A 493 -4.11 -16.73 -39.26
N LEU A 494 -3.46 -15.69 -39.78
CA LEU A 494 -3.44 -15.41 -41.21
C LEU A 494 -3.00 -16.62 -42.03
N ALA A 495 -2.08 -17.39 -41.47
CA ALA A 495 -1.55 -18.57 -42.16
C ALA A 495 -2.63 -19.63 -42.38
N LYS A 496 -3.71 -19.55 -41.60
CA LYS A 496 -4.79 -20.53 -41.67
C LYS A 496 -6.02 -19.98 -42.40
N GLN A 497 -5.80 -19.10 -43.37
CA GLN A 497 -6.92 -18.40 -44.02
C GLN A 497 -6.88 -18.48 -45.54
N SER A 498 -8.07 -18.44 -46.15
CA SER A 498 -8.23 -18.57 -47.58
C SER A 498 -8.32 -17.19 -48.24
N VAL A 499 -9.07 -16.29 -47.62
CA VAL A 499 -9.23 -14.93 -48.12
C VAL A 499 -8.84 -13.94 -47.05
N PHE A 500 -8.52 -12.72 -47.48
CA PHE A 500 -8.10 -11.68 -46.56
C PHE A 500 -8.88 -10.39 -46.78
N GLU A 501 -9.89 -10.21 -45.93
CA GLU A 501 -10.74 -9.03 -45.94
C GLU A 501 -10.41 -8.22 -44.69
N PRO A 502 -10.11 -6.92 -44.84
CA PRO A 502 -9.67 -6.15 -43.68
C PRO A 502 -10.69 -6.13 -42.54
N GLY A 503 -11.97 -6.05 -42.88
CA GLY A 503 -13.02 -6.05 -41.88
C GLY A 503 -13.01 -7.30 -41.02
N ASN A 504 -12.93 -8.45 -41.66
CA ASN A 504 -12.91 -9.73 -40.95
C ASN A 504 -11.74 -9.83 -39.98
N ILE A 505 -10.55 -9.50 -40.47
CA ILE A 505 -9.35 -9.61 -39.65
C ILE A 505 -9.43 -8.65 -38.47
N ALA A 506 -9.90 -7.43 -38.72
CA ALA A 506 -10.07 -6.43 -37.67
C ALA A 506 -11.01 -6.94 -36.58
N GLN A 507 -12.07 -7.64 -37.00
CA GLN A 507 -13.01 -8.23 -36.06
C GLN A 507 -12.33 -9.30 -35.23
N TRP A 508 -11.55 -10.16 -35.90
CA TRP A 508 -10.84 -11.22 -35.22
C TRP A 508 -9.84 -10.68 -34.21
N ILE A 509 -9.02 -9.73 -34.63
CA ILE A 509 -8.02 -9.12 -33.75
C ILE A 509 -8.69 -8.57 -32.49
N ALA A 510 -9.71 -7.75 -32.70
CA ALA A 510 -10.40 -7.13 -31.57
C ALA A 510 -11.01 -8.18 -30.65
N ARG A 511 -11.36 -9.33 -31.22
CA ARG A 511 -11.97 -10.39 -30.43
C ARG A 511 -10.94 -11.18 -29.64
N ASN A 512 -9.80 -11.49 -30.25
CA ASN A 512 -8.82 -12.41 -29.66
C ASN A 512 -7.58 -11.74 -29.07
N LEU A 513 -7.17 -10.60 -29.60
CA LEU A 513 -5.88 -10.01 -29.23
C LEU A 513 -5.98 -8.90 -28.19
N MET A 514 -7.19 -8.40 -27.93
CA MET A 514 -7.41 -7.45 -26.84
C MET A 514 -8.04 -8.16 -25.66
N HIS B 37 -28.51 27.67 -17.61
CA HIS B 37 -27.13 27.19 -17.35
C HIS B 37 -26.07 28.28 -17.38
N MET B 38 -26.10 29.18 -16.40
CA MET B 38 -25.13 30.28 -16.34
C MET B 38 -24.44 30.57 -15.01
N MET B 39 -24.45 29.60 -14.09
CA MET B 39 -23.61 29.69 -12.90
C MET B 39 -22.22 30.20 -13.30
N LYS B 40 -21.57 30.92 -12.40
CA LYS B 40 -20.30 31.53 -12.74
C LYS B 40 -19.65 32.01 -11.45
N PHE B 41 -18.32 31.96 -11.42
CA PHE B 41 -17.58 32.44 -10.27
C PHE B 41 -16.10 32.43 -10.57
N THR B 42 -15.36 33.26 -9.84
CA THR B 42 -13.91 33.30 -9.94
C THR B 42 -13.35 33.33 -8.52
N VAL B 43 -12.47 32.38 -8.22
CA VAL B 43 -11.94 32.23 -6.87
C VAL B 43 -10.44 31.96 -6.93
N GLU B 44 -9.72 32.45 -5.94
CA GLU B 44 -8.29 32.17 -5.85
C GLU B 44 -8.11 30.70 -5.48
N ARG B 45 -7.22 30.03 -6.18
CA ARG B 45 -6.95 28.61 -5.97
C ARG B 45 -6.86 28.24 -4.49
N GLU B 46 -6.18 29.09 -3.72
CA GLU B 46 -5.97 28.84 -2.29
C GLU B 46 -7.27 28.70 -1.50
N HIS B 47 -8.29 29.47 -1.89
CA HIS B 47 -9.57 29.45 -1.19
C HIS B 47 -10.42 28.25 -1.57
N LEU B 48 -10.11 27.66 -2.72
CA LEU B 48 -10.93 26.60 -3.27
C LEU B 48 -10.39 25.23 -2.89
N LEU B 49 -9.08 25.16 -2.70
CA LEU B 49 -8.40 23.88 -2.51
C LEU B 49 -8.91 23.09 -1.31
N LYS B 50 -8.86 23.69 -0.12
CA LYS B 50 -9.20 22.97 1.09
C LYS B 50 -10.67 22.56 1.13
N PRO B 51 -11.59 23.43 0.68
CA PRO B 51 -12.96 22.93 0.60
C PRO B 51 -13.13 21.78 -0.40
N LEU B 52 -12.41 21.80 -1.51
CA LEU B 52 -12.53 20.74 -2.51
C LEU B 52 -11.98 19.41 -2.00
N GLN B 53 -10.83 19.45 -1.36
CA GLN B 53 -10.24 18.24 -0.80
C GLN B 53 -11.19 17.63 0.21
N GLN B 54 -11.87 18.50 0.93
CA GLN B 54 -12.80 18.08 1.99
C GLN B 54 -14.02 17.35 1.44
N VAL B 55 -14.75 17.97 0.53
CA VAL B 55 -16.00 17.40 0.04
C VAL B 55 -15.77 16.21 -0.90
N SER B 56 -14.52 15.90 -1.19
CA SER B 56 -14.19 14.70 -1.97
C SER B 56 -13.89 13.55 -1.02
N GLY B 57 -14.46 13.61 0.18
CA GLY B 57 -14.24 12.60 1.19
C GLY B 57 -15.29 11.50 1.14
N PRO B 58 -16.58 11.89 1.10
CA PRO B 58 -17.68 10.93 0.95
C PRO B 58 -17.44 10.04 -0.25
N LEU B 59 -16.65 10.54 -1.19
CA LEU B 59 -16.18 9.77 -2.32
C LEU B 59 -15.04 8.86 -1.88
N ARG B 62 -13.18 2.98 -7.17
CA ARG B 62 -14.43 2.25 -7.37
C ARG B 62 -15.63 3.17 -7.21
N PRO B 63 -16.23 3.61 -8.32
CA PRO B 63 -17.40 4.49 -8.21
C PRO B 63 -18.66 3.66 -8.00
N THR B 64 -19.55 4.14 -7.13
CA THR B 64 -20.81 3.44 -6.90
C THR B 64 -21.70 3.64 -8.12
N LEU B 65 -22.14 4.88 -8.31
CA LEU B 65 -23.01 5.25 -9.41
C LEU B 65 -22.51 6.57 -9.98
N PRO B 66 -22.85 6.87 -11.25
CA PRO B 66 -22.18 7.97 -11.94
C PRO B 66 -22.22 9.31 -11.21
N ILE B 67 -23.42 9.79 -10.90
CA ILE B 67 -23.58 11.14 -10.35
C ILE B 67 -23.01 11.26 -8.93
N LEU B 68 -22.78 10.13 -8.26
CA LEU B 68 -22.21 10.15 -6.92
C LEU B 68 -20.71 10.43 -6.96
N GLY B 69 -20.12 10.36 -8.15
CA GLY B 69 -18.74 10.77 -8.34
C GLY B 69 -18.64 12.25 -8.65
N ASN B 70 -19.80 12.91 -8.76
CA ASN B 70 -19.83 14.33 -9.05
C ASN B 70 -20.00 15.19 -7.80
N LEU B 71 -19.57 16.44 -7.90
CA LEU B 71 -19.80 17.45 -6.87
C LEU B 71 -20.93 18.38 -7.28
N LEU B 72 -21.84 18.65 -6.37
CA LEU B 72 -22.86 19.67 -6.60
C LEU B 72 -22.24 21.04 -6.32
N LEU B 73 -22.32 21.92 -7.31
CA LEU B 73 -21.83 23.28 -7.17
C LEU B 73 -23.01 24.23 -7.21
N GLN B 74 -23.15 25.06 -6.18
CA GLN B 74 -24.22 26.05 -6.13
C GLN B 74 -23.67 27.42 -5.81
N VAL B 75 -23.97 28.39 -6.67
CA VAL B 75 -23.71 29.78 -6.38
C VAL B 75 -25.02 30.44 -6.02
N ALA B 76 -25.10 30.95 -4.80
CA ALA B 76 -26.26 31.69 -4.34
C ALA B 76 -25.79 32.80 -3.42
N ASP B 77 -26.38 33.98 -3.58
CA ASP B 77 -25.93 35.16 -2.84
C ASP B 77 -24.48 35.45 -3.19
N GLY B 78 -23.60 35.46 -2.19
CA GLY B 78 -22.17 35.61 -2.42
C GLY B 78 -21.42 34.40 -1.92
N THR B 79 -22.08 33.25 -1.95
CA THR B 79 -21.51 32.01 -1.42
C THR B 79 -21.53 30.89 -2.45
N LEU B 80 -20.38 30.25 -2.63
CA LEU B 80 -20.29 29.02 -3.40
C LEU B 80 -20.45 27.83 -2.45
N SER B 81 -21.42 26.97 -2.74
CA SER B 81 -21.62 25.76 -1.96
C SER B 81 -21.17 24.55 -2.76
N LEU B 82 -20.30 23.73 -2.15
CA LEU B 82 -19.81 22.50 -2.76
C LEU B 82 -20.32 21.33 -1.95
N THR B 83 -20.97 20.37 -2.60
CA THR B 83 -21.54 19.22 -1.92
C THR B 83 -21.08 17.90 -2.54
N GLY B 84 -20.60 17.00 -1.68
CA GLY B 84 -20.26 15.64 -2.07
C GLY B 84 -21.06 14.67 -1.21
N THR B 85 -21.52 13.58 -1.82
CA THR B 85 -22.38 12.64 -1.12
C THR B 85 -22.22 11.21 -1.63
N ASP B 86 -22.51 10.24 -0.77
CA ASP B 86 -22.55 8.84 -1.16
C ASP B 86 -23.88 8.22 -0.72
N LEU B 87 -24.89 9.06 -0.54
CA LEU B 87 -26.22 8.61 -0.15
C LEU B 87 -26.33 8.09 1.28
N GLU B 88 -25.22 8.00 2.00
CA GLU B 88 -25.26 7.52 3.37
C GLU B 88 -24.91 8.78 4.15
N MET B 89 -24.12 9.65 3.54
CA MET B 89 -23.70 10.90 4.17
C MET B 89 -23.41 11.95 3.12
N GLU B 90 -23.34 13.21 3.56
CA GLU B 90 -22.97 14.29 2.66
C GLU B 90 -22.09 15.31 3.39
N MET B 91 -21.20 15.94 2.63
CA MET B 91 -20.35 16.99 3.14
C MET B 91 -20.58 18.24 2.31
N VAL B 92 -20.91 19.35 2.97
CA VAL B 92 -21.13 20.62 2.29
C VAL B 92 -20.06 21.62 2.73
N ALA B 93 -19.48 22.31 1.76
CA ALA B 93 -18.48 23.32 2.03
C ALA B 93 -18.91 24.65 1.41
N ARG B 94 -18.80 25.72 2.19
CA ARG B 94 -19.18 27.05 1.73
C ARG B 94 -17.92 27.90 1.51
N VAL B 95 -17.97 28.71 0.46
CA VAL B 95 -16.86 29.61 0.14
C VAL B 95 -17.43 30.98 -0.22
N ALA B 96 -16.98 32.01 0.48
CA ALA B 96 -17.40 33.36 0.19
C ALA B 96 -16.81 33.83 -1.13
N LEU B 97 -17.63 34.50 -1.94
CA LEU B 97 -17.21 34.99 -3.25
C LEU B 97 -17.17 36.51 -3.27
N VAL B 98 -15.97 37.07 -3.42
CA VAL B 98 -15.80 38.52 -3.48
C VAL B 98 -15.72 38.99 -4.93
N GLN B 99 -15.19 38.15 -5.80
CA GLN B 99 -15.11 38.47 -7.22
C GLN B 99 -16.45 38.26 -7.90
N PRO B 100 -16.62 38.79 -9.12
CA PRO B 100 -17.92 38.71 -9.79
C PRO B 100 -18.44 37.28 -9.91
N HIS B 101 -19.76 37.12 -9.81
CA HIS B 101 -20.37 35.81 -9.85
C HIS B 101 -21.84 35.88 -10.25
N GLU B 102 -22.31 34.82 -10.87
CA GLU B 102 -23.72 34.69 -11.24
C GLU B 102 -24.27 33.45 -10.56
N PRO B 103 -25.47 33.56 -9.97
CA PRO B 103 -25.98 32.36 -9.29
C PRO B 103 -26.33 31.26 -10.29
N GLY B 104 -26.44 30.04 -9.78
CA GLY B 104 -26.75 28.89 -10.61
C GLY B 104 -26.29 27.62 -9.91
N ALA B 105 -26.48 26.48 -10.57
CA ALA B 105 -26.08 25.22 -9.99
C ALA B 105 -25.80 24.17 -11.06
N THR B 106 -24.88 23.26 -10.74
CA THR B 106 -24.53 22.16 -11.64
C THR B 106 -23.76 21.11 -10.88
N THR B 107 -23.44 20.02 -11.57
CA THR B 107 -22.57 19.00 -10.98
C THR B 107 -21.46 18.58 -11.94
N VAL B 108 -20.26 18.39 -11.40
CA VAL B 108 -19.09 18.04 -12.20
C VAL B 108 -18.31 16.91 -11.55
N PRO B 109 -17.52 16.17 -12.34
CA PRO B 109 -16.67 15.12 -11.75
C PRO B 109 -15.76 15.66 -10.66
N ALA B 110 -15.87 15.07 -9.47
CA ALA B 110 -15.19 15.59 -8.29
C ALA B 110 -13.67 15.52 -8.42
N ARG B 111 -13.15 14.34 -8.75
CA ARG B 111 -11.71 14.11 -8.79
C ARG B 111 -11.04 14.95 -9.87
N LYS B 112 -11.67 15.03 -11.04
CA LYS B 112 -11.13 15.80 -12.16
C LYS B 112 -11.05 17.28 -11.84
N PHE B 113 -12.15 17.82 -11.31
CA PHE B 113 -12.22 19.23 -10.97
C PHE B 113 -11.15 19.58 -9.94
N PHE B 114 -11.03 18.73 -8.94
CA PHE B 114 -10.04 18.92 -7.89
C PHE B 114 -8.61 18.76 -8.40
N ASP B 115 -8.38 17.78 -9.28
CA ASP B 115 -7.05 17.54 -9.82
C ASP B 115 -6.57 18.72 -10.66
N ILE B 116 -7.52 19.36 -11.34
CA ILE B 116 -7.19 20.53 -12.16
C ILE B 116 -6.81 21.71 -11.27
N CYS B 117 -7.62 21.98 -10.26
CA CYS B 117 -7.36 23.08 -9.33
C CYS B 117 -6.02 22.90 -8.63
N ARG B 118 -5.77 21.67 -8.19
CA ARG B 118 -4.55 21.33 -7.48
C ARG B 118 -3.31 21.42 -8.38
N GLY B 119 -3.49 21.14 -9.66
CA GLY B 119 -2.38 21.15 -10.61
C GLY B 119 -2.02 22.53 -11.11
N LEU B 120 -2.87 23.51 -10.79
CA LEU B 120 -2.59 24.90 -11.18
C LEU B 120 -1.60 25.52 -10.22
N PRO B 121 -0.89 26.57 -10.66
CA PRO B 121 0.18 27.09 -9.81
C PRO B 121 -0.37 27.80 -8.57
N GLU B 122 0.45 27.89 -7.54
CA GLU B 122 0.06 28.58 -6.31
C GLU B 122 -0.09 30.07 -6.61
N GLY B 123 -1.19 30.65 -6.13
CA GLY B 123 -1.48 32.06 -6.38
C GLY B 123 -2.43 32.25 -7.55
N ALA B 124 -2.67 31.18 -8.30
CA ALA B 124 -3.46 31.25 -9.51
C ALA B 124 -4.92 31.61 -9.25
N GLU B 125 -5.55 32.14 -10.31
CA GLU B 125 -6.96 32.49 -10.29
C GLU B 125 -7.74 31.42 -11.04
N ILE B 126 -8.92 31.07 -10.53
CA ILE B 126 -9.72 30.02 -11.16
C ILE B 126 -11.09 30.55 -11.54
N ALA B 127 -11.30 30.72 -12.84
CA ALA B 127 -12.57 31.20 -13.36
C ALA B 127 -13.42 30.03 -13.84
N VAL B 128 -14.62 29.94 -13.31
CA VAL B 128 -15.56 28.86 -13.65
C VAL B 128 -16.79 29.46 -14.29
N GLN B 129 -17.32 28.77 -15.28
CA GLN B 129 -18.47 29.27 -16.02
C GLN B 129 -19.19 28.13 -16.74
N LEU B 130 -20.51 28.12 -16.66
CA LEU B 130 -21.29 27.08 -17.36
C LEU B 130 -21.49 27.47 -18.80
N GLU B 131 -21.43 26.48 -19.66
CA GLU B 131 -21.66 26.63 -21.08
C GLU B 131 -22.31 25.37 -21.63
N GLY B 132 -23.62 25.44 -21.87
CA GLY B 132 -24.38 24.31 -22.36
C GLY B 132 -24.43 23.20 -21.32
N GLU B 133 -23.99 22.01 -21.70
CA GLU B 133 -23.93 20.87 -20.78
C GLU B 133 -22.51 20.66 -20.31
N ARG B 134 -21.68 21.70 -20.45
CA ARG B 134 -20.28 21.63 -20.07
C ARG B 134 -19.95 22.74 -19.08
N MET B 135 -19.00 22.47 -18.18
CA MET B 135 -18.50 23.50 -17.28
C MET B 135 -17.09 23.89 -17.68
N LEU B 136 -16.90 25.18 -17.94
CA LEU B 136 -15.61 25.69 -18.38
C LEU B 136 -14.78 26.19 -17.20
N VAL B 137 -13.55 25.72 -17.11
CA VAL B 137 -12.62 26.17 -16.09
C VAL B 137 -11.41 26.82 -16.75
N ARG B 138 -11.16 28.08 -16.42
CA ARG B 138 -9.99 28.79 -16.93
C ARG B 138 -9.13 29.34 -15.82
N SER B 139 -7.82 29.31 -16.06
CA SER B 139 -6.84 29.88 -15.16
C SER B 139 -5.60 30.18 -15.98
N GLY B 140 -5.35 31.46 -16.20
CA GLY B 140 -4.32 31.87 -17.15
C GLY B 140 -4.71 31.36 -18.52
N ARG B 141 -3.76 30.69 -19.18
CA ARG B 141 -4.00 30.18 -20.53
C ARG B 141 -4.32 28.69 -20.50
N SER B 142 -4.71 28.19 -19.33
CA SER B 142 -5.20 26.82 -19.18
C SER B 142 -6.72 26.82 -19.28
N ARG B 143 -7.25 26.11 -20.27
CA ARG B 143 -8.69 25.98 -20.44
C ARG B 143 -9.10 24.53 -20.24
N PHE B 144 -10.24 24.34 -19.58
CA PHE B 144 -10.77 23.01 -19.33
C PHE B 144 -12.27 22.98 -19.52
N SER B 145 -12.75 21.94 -20.19
CA SER B 145 -14.17 21.76 -20.43
C SER B 145 -14.62 20.43 -19.83
N LEU B 146 -15.40 20.52 -18.77
CA LEU B 146 -15.88 19.34 -18.06
C LEU B 146 -17.34 19.09 -18.35
N SER B 147 -17.72 17.82 -18.42
CA SER B 147 -19.10 17.45 -18.65
C SER B 147 -19.84 17.52 -17.32
N THR B 148 -21.13 17.79 -17.39
CA THR B 148 -21.94 17.99 -16.20
C THR B 148 -23.14 17.07 -16.17
N LEU B 149 -23.74 16.96 -14.98
CA LEU B 149 -25.04 16.34 -14.81
C LEU B 149 -25.90 17.35 -14.06
N PRO B 150 -27.21 17.38 -14.34
CA PRO B 150 -28.04 18.45 -13.75
C PRO B 150 -28.10 18.40 -12.23
N ALA B 151 -28.10 19.57 -11.61
CA ALA B 151 -28.17 19.70 -10.15
C ALA B 151 -29.47 19.12 -9.60
N ALA B 152 -30.53 19.16 -10.41
CA ALA B 152 -31.84 18.69 -9.98
C ALA B 152 -31.86 17.17 -9.86
N ASP B 153 -30.82 16.51 -10.36
CA ASP B 153 -30.69 15.06 -10.25
C ASP B 153 -29.78 14.68 -9.08
N PHE B 154 -29.16 15.69 -8.46
CA PHE B 154 -28.28 15.43 -7.34
C PHE B 154 -29.13 15.06 -6.13
N PRO B 155 -28.75 13.97 -5.42
CA PRO B 155 -29.66 13.55 -4.35
C PRO B 155 -29.65 14.49 -3.15
N ASN B 156 -30.84 14.70 -2.59
CA ASN B 156 -31.01 15.45 -1.36
C ASN B 156 -31.22 14.48 -0.22
N LEU B 157 -30.82 14.88 0.98
CA LEU B 157 -31.24 14.18 2.18
C LEU B 157 -32.57 14.76 2.60
N ASP B 158 -33.53 13.89 2.91
CA ASP B 158 -34.81 14.35 3.42
C ASP B 158 -34.56 15.02 4.77
N ASP B 159 -35.05 16.24 4.93
CA ASP B 159 -34.79 16.98 6.16
C ASP B 159 -35.44 16.27 7.34
N TRP B 160 -34.96 16.60 8.52
CA TRP B 160 -35.33 15.90 9.74
C TRP B 160 -35.35 16.90 10.88
N GLN B 161 -35.71 16.44 12.07
CA GLN B 161 -35.73 17.29 13.25
C GLN B 161 -34.74 16.79 14.29
N SER B 162 -33.85 17.68 14.71
CA SER B 162 -32.89 17.33 15.75
C SER B 162 -33.61 17.18 17.08
N GLU B 163 -33.18 16.20 17.85
CA GLU B 163 -33.73 15.95 19.16
C GLU B 163 -32.76 16.44 20.18
N VAL B 164 -31.50 16.50 19.80
CA VAL B 164 -30.44 16.97 20.68
C VAL B 164 -29.54 17.94 19.95
N GLU B 165 -29.02 18.92 20.68
CA GLU B 165 -28.20 19.97 20.11
C GLU B 165 -27.18 20.41 21.14
N PHE B 166 -25.90 20.41 20.75
CA PHE B 166 -24.86 20.87 21.66
C PHE B 166 -23.60 21.29 20.93
N THR B 167 -22.81 22.09 21.62
CA THR B 167 -21.55 22.60 21.09
C THR B 167 -20.42 22.04 21.92
N LEU B 168 -19.37 21.55 21.26
CA LEU B 168 -18.21 21.04 21.97
C LEU B 168 -16.93 21.35 21.21
N PRO B 169 -15.80 21.43 21.93
CA PRO B 169 -14.51 21.69 21.27
C PRO B 169 -14.11 20.56 20.32
N GLN B 170 -13.46 20.92 19.23
CA GLN B 170 -12.98 19.95 18.25
C GLN B 170 -12.10 18.88 18.87
N ALA B 171 -11.20 19.30 19.76
CA ALA B 171 -10.27 18.39 20.41
C ALA B 171 -11.02 17.29 21.16
N THR B 172 -12.13 17.67 21.79
CA THR B 172 -12.93 16.73 22.55
C THR B 172 -13.52 15.64 21.65
N MET B 173 -14.13 16.05 20.55
CA MET B 173 -14.68 15.09 19.60
C MET B 173 -13.60 14.18 19.04
N LYS B 174 -12.46 14.77 18.67
CA LYS B 174 -11.35 14.01 18.12
C LYS B 174 -10.84 12.99 19.14
N ARG B 175 -10.83 13.42 20.40
CA ARG B 175 -10.42 12.57 21.51
C ARG B 175 -11.34 11.35 21.63
N LEU B 176 -12.64 11.60 21.65
CA LEU B 176 -13.64 10.54 21.80
C LEU B 176 -13.56 9.51 20.69
N ILE B 177 -13.32 9.96 19.46
CA ILE B 177 -13.25 9.06 18.33
C ILE B 177 -11.95 8.27 18.30
N GLU B 178 -10.83 8.97 18.47
CA GLU B 178 -9.51 8.31 18.43
C GLU B 178 -9.36 7.30 19.56
N ALA B 179 -10.08 7.53 20.65
CA ALA B 179 -10.02 6.64 21.79
C ALA B 179 -10.65 5.27 21.49
N THR B 180 -11.63 5.24 20.59
CA THR B 180 -12.45 4.04 20.39
C THR B 180 -12.49 3.49 18.96
N GLN B 181 -12.10 4.31 17.98
CA GLN B 181 -12.25 3.95 16.57
C GLN B 181 -11.67 2.58 16.19
N PHE B 182 -10.51 2.25 16.73
CA PHE B 182 -9.81 1.02 16.37
C PHE B 182 -10.57 -0.24 16.79
N SER B 183 -11.48 -0.12 17.76
CA SER B 183 -12.23 -1.27 18.26
C SER B 183 -13.53 -1.51 17.48
N MET B 184 -13.76 -0.72 16.44
CA MET B 184 -14.91 -0.92 15.58
C MET B 184 -14.74 -2.20 14.77
N ALA B 185 -15.87 -2.84 14.44
CA ALA B 185 -15.84 -4.04 13.61
C ALA B 185 -15.65 -3.69 12.16
N HIS B 186 -15.14 -4.64 11.39
CA HIS B 186 -14.90 -4.45 9.97
C HIS B 186 -15.69 -5.47 9.15
N GLN B 187 -16.70 -4.97 8.44
CA GLN B 187 -17.51 -5.80 7.56
C GLN B 187 -18.15 -6.96 8.30
N ASP B 188 -18.55 -6.71 9.55
CA ASP B 188 -19.29 -7.68 10.34
C ASP B 188 -20.67 -7.86 9.73
N VAL B 189 -21.30 -9.00 9.96
CA VAL B 189 -22.66 -9.23 9.46
C VAL B 189 -23.64 -8.40 10.28
N ARG B 190 -23.27 -8.13 11.52
CA ARG B 190 -24.02 -7.24 12.37
C ARG B 190 -23.58 -5.81 12.05
N TYR B 191 -24.37 -5.13 11.22
CA TYR B 191 -23.97 -3.85 10.65
C TYR B 191 -23.78 -2.79 11.72
N TYR B 192 -24.46 -2.94 12.85
CA TYR B 192 -24.39 -1.94 13.91
C TYR B 192 -23.05 -1.95 14.63
N LEU B 193 -22.27 -3.01 14.46
CA LEU B 193 -20.93 -3.09 15.05
C LEU B 193 -19.89 -2.49 14.13
N ASN B 194 -20.24 -2.32 12.86
CA ASN B 194 -19.36 -1.66 11.90
C ASN B 194 -19.39 -0.15 12.10
N GLY B 195 -20.12 0.31 13.12
CA GLY B 195 -20.24 1.73 13.41
C GLY B 195 -19.78 2.05 14.80
N MET B 196 -20.05 3.27 15.25
CA MET B 196 -19.64 3.72 16.56
C MET B 196 -20.84 4.30 17.30
N LEU B 197 -21.04 3.85 18.53
CA LEU B 197 -22.13 4.34 19.36
C LEU B 197 -21.77 5.71 19.90
N PHE B 198 -22.64 6.70 19.69
CA PHE B 198 -22.55 7.99 20.36
C PHE B 198 -23.70 8.09 21.35
N GLU B 199 -23.39 8.46 22.58
CA GLU B 199 -24.40 8.52 23.61
C GLU B 199 -24.22 9.74 24.50
N THR B 200 -25.33 10.44 24.74
CA THR B 200 -25.34 11.54 25.68
C THR B 200 -25.98 11.08 26.99
N GLU B 201 -25.31 11.38 28.09
CA GLU B 201 -25.80 11.01 29.42
C GLU B 201 -25.37 12.07 30.43
N GLY B 202 -26.34 12.75 31.02
CA GLY B 202 -26.06 13.83 31.94
C GLY B 202 -25.34 14.97 31.26
N GLU B 203 -24.09 15.18 31.66
CA GLU B 203 -23.26 16.27 31.14
C GLU B 203 -22.17 15.73 30.21
N GLU B 204 -22.27 14.45 29.88
CA GLU B 204 -21.20 13.76 29.18
C GLU B 204 -21.59 13.25 27.80
N LEU B 205 -20.65 13.33 26.88
CA LEU B 205 -20.78 12.67 25.59
C LEU B 205 -19.88 11.43 25.61
N ARG B 206 -20.43 10.30 25.17
CA ARG B 206 -19.71 9.03 25.23
C ARG B 206 -19.64 8.35 23.87
N THR B 207 -18.52 7.69 23.61
CA THR B 207 -18.40 6.83 22.45
C THR B 207 -18.10 5.40 22.88
N VAL B 208 -18.61 4.45 22.11
CA VAL B 208 -18.38 3.03 22.35
C VAL B 208 -18.13 2.34 21.02
N ALA B 209 -17.17 1.43 21.01
CA ALA B 209 -16.92 0.62 19.84
C ALA B 209 -16.47 -0.77 20.27
N THR B 210 -17.00 -1.78 19.59
CA THR B 210 -16.65 -3.16 19.85
C THR B 210 -16.84 -3.98 18.57
N ASP B 211 -16.16 -5.11 18.50
CA ASP B 211 -16.26 -6.01 17.36
C ASP B 211 -16.65 -7.41 17.81
N GLY B 212 -17.05 -7.53 19.07
CA GLY B 212 -17.45 -8.80 19.64
C GLY B 212 -16.30 -9.52 20.33
N HIS B 213 -15.08 -9.15 20.00
CA HIS B 213 -13.91 -9.76 20.63
C HIS B 213 -13.32 -8.79 21.72
N ARG B 214 -13.27 -7.49 21.43
CA ARG B 214 -12.82 -6.48 22.37
C ARG B 214 -13.74 -5.26 22.35
N LEU B 215 -13.63 -4.39 23.33
CA LEU B 215 -14.48 -3.19 23.53
C LEU B 215 -13.66 -1.90 23.94
N ALA B 216 -13.90 -0.72 23.33
CA ALA B 216 -13.32 0.59 23.68
C ALA B 216 -14.50 1.53 24.10
N VAL B 217 -14.46 2.21 25.26
CA VAL B 217 -15.43 3.23 25.67
C VAL B 217 -14.73 4.48 26.17
N CYS B 218 -15.22 5.59 25.74
CA CYS B 218 -14.67 6.86 26.19
C CYS B 218 -15.78 7.88 26.40
N SER B 219 -15.69 8.63 27.50
CA SER B 219 -16.66 9.66 27.80
C SER B 219 -15.98 10.95 28.23
N MET B 220 -16.57 12.08 27.86
CA MET B 220 -16.01 13.39 28.16
C MET B 220 -17.13 14.33 28.59
N PRO B 221 -16.85 15.25 29.53
CA PRO B 221 -17.88 16.22 29.86
C PRO B 221 -18.00 17.25 28.75
N ILE B 222 -19.19 17.80 28.53
CA ILE B 222 -19.34 18.86 27.54
C ILE B 222 -20.04 20.09 28.12
N GLY B 223 -20.13 20.13 29.44
CA GLY B 223 -20.47 21.36 30.15
C GLY B 223 -21.94 21.74 30.22
N GLN B 224 -22.83 20.89 29.71
CA GLN B 224 -24.26 21.16 29.78
C GLN B 224 -25.08 19.88 29.92
N SER B 225 -26.22 19.99 30.62
CA SER B 225 -27.12 18.85 30.78
C SER B 225 -27.83 18.54 29.48
N LEU B 226 -27.73 17.28 29.07
CA LEU B 226 -28.32 16.81 27.83
C LEU B 226 -29.41 15.77 28.09
N PRO B 227 -30.38 15.70 27.20
CA PRO B 227 -31.31 14.57 27.23
C PRO B 227 -30.60 13.26 26.90
N SER B 228 -31.06 12.16 27.46
CA SER B 228 -30.45 10.86 27.19
C SER B 228 -30.70 10.44 25.75
N HIS B 229 -29.63 10.22 25.02
CA HIS B 229 -29.71 9.81 23.63
C HIS B 229 -28.62 8.80 23.30
N SER B 230 -28.84 7.98 22.30
CA SER B 230 -27.94 6.89 21.97
C SER B 230 -28.07 6.54 20.49
N VAL B 231 -27.03 6.84 19.72
CA VAL B 231 -27.07 6.58 18.28
C VAL B 231 -25.80 5.90 17.79
N ILE B 232 -25.90 5.25 16.64
CA ILE B 232 -24.77 4.61 16.00
C ILE B 232 -24.42 5.33 14.71
N VAL B 233 -23.20 5.83 14.64
CA VAL B 233 -22.69 6.49 13.44
C VAL B 233 -21.91 5.47 12.63
N PRO B 234 -22.26 5.30 11.33
CA PRO B 234 -21.54 4.27 10.58
C PRO B 234 -20.06 4.60 10.38
N ARG B 235 -19.30 3.58 9.98
CA ARG B 235 -17.84 3.68 9.88
C ARG B 235 -17.35 4.86 9.03
N LYS B 236 -17.84 4.95 7.81
CA LYS B 236 -17.39 5.99 6.89
C LYS B 236 -17.69 7.37 7.48
N GLY B 237 -18.82 7.48 8.19
CA GLY B 237 -19.21 8.74 8.79
C GLY B 237 -18.22 9.18 9.87
N VAL B 238 -17.81 8.22 10.70
CA VAL B 238 -16.82 8.48 11.74
C VAL B 238 -15.50 8.95 11.14
N ILE B 239 -15.08 8.29 10.05
CA ILE B 239 -13.85 8.67 9.36
C ILE B 239 -13.98 10.09 8.84
N GLU B 240 -15.09 10.37 8.17
CA GLU B 240 -15.35 11.67 7.60
C GLU B 240 -15.46 12.74 8.67
N LEU B 241 -16.09 12.39 9.79
CA LEU B 241 -16.23 13.31 10.90
C LEU B 241 -14.86 13.70 11.41
N MET B 242 -14.01 12.69 11.61
CA MET B 242 -12.63 12.92 12.04
C MET B 242 -11.84 13.76 11.04
N ARG B 243 -12.10 13.54 9.76
CA ARG B 243 -11.40 14.24 8.69
C ARG B 243 -11.70 15.73 8.60
N MET B 244 -12.89 16.12 9.03
CA MET B 244 -13.29 17.53 8.92
C MET B 244 -12.79 18.36 10.11
N LEU B 245 -12.28 17.67 11.13
CA LEU B 245 -11.73 18.34 12.31
C LEU B 245 -10.26 18.69 12.08
N ASP B 246 -9.91 19.97 12.24
CA ASP B 246 -8.52 20.39 12.09
C ASP B 246 -7.85 20.62 13.44
N GLY B 247 -8.54 20.27 14.53
CA GLY B 247 -8.00 20.43 15.86
C GLY B 247 -8.19 21.84 16.40
N GLY B 248 -8.68 22.73 15.55
CA GLY B 248 -8.80 24.14 15.88
C GLY B 248 -9.66 24.42 17.11
N ASP B 249 -9.53 25.64 17.62
CA ASP B 249 -10.26 26.04 18.81
C ASP B 249 -11.63 26.61 18.47
N ASN B 250 -11.93 26.72 17.18
CA ASN B 250 -13.28 27.08 16.77
C ASN B 250 -14.20 25.86 16.97
N PRO B 251 -15.31 26.03 17.71
CA PRO B 251 -16.10 24.88 18.17
C PRO B 251 -16.89 24.13 17.10
N LEU B 252 -17.17 22.88 17.44
CA LEU B 252 -18.02 22.01 16.63
C LEU B 252 -19.46 22.04 17.14
N ARG B 253 -20.40 22.27 16.22
CA ARG B 253 -21.83 22.24 16.54
C ARG B 253 -22.42 20.91 16.12
N VAL B 254 -23.00 20.17 17.05
CA VAL B 254 -23.59 18.87 16.75
C VAL B 254 -25.11 18.85 16.93
N GLN B 255 -25.79 18.27 15.95
CA GLN B 255 -27.23 18.04 16.02
C GLN B 255 -27.51 16.56 15.79
N ILE B 256 -28.27 15.95 16.69
CA ILE B 256 -28.63 14.53 16.57
C ILE B 256 -30.14 14.34 16.53
N GLY B 257 -30.61 13.74 15.44
CA GLY B 257 -31.99 13.31 15.30
C GLY B 257 -32.08 11.83 15.56
N SER B 258 -33.22 11.22 15.25
CA SER B 258 -33.40 9.79 15.46
C SER B 258 -32.65 8.96 14.42
N ASN B 259 -32.51 9.50 13.22
CA ASN B 259 -31.94 8.74 12.11
C ASN B 259 -30.84 9.51 11.38
N ASN B 260 -30.48 10.68 11.89
CA ASN B 260 -29.42 11.47 11.30
C ASN B 260 -28.59 12.21 12.33
N ILE B 261 -27.36 12.53 11.96
CA ILE B 261 -26.48 13.36 12.79
C ILE B 261 -25.85 14.41 11.91
N ARG B 262 -25.69 15.60 12.47
CA ARG B 262 -25.17 16.75 11.72
C ARG B 262 -24.09 17.45 12.53
N ALA B 263 -22.98 17.74 11.85
CA ALA B 263 -21.84 18.38 12.48
C ALA B 263 -21.40 19.60 11.67
N HIS B 264 -21.28 20.73 12.35
CA HIS B 264 -20.92 22.00 11.72
C HIS B 264 -19.64 22.55 12.31
N VAL B 265 -18.61 22.68 11.46
CA VAL B 265 -17.32 23.25 11.86
C VAL B 265 -16.87 24.23 10.79
N GLY B 266 -16.54 25.45 11.21
CA GLY B 266 -16.13 26.47 10.27
C GLY B 266 -17.18 26.58 9.18
N ASP B 267 -16.74 26.42 7.93
CA ASP B 267 -17.63 26.50 6.78
C ASP B 267 -17.95 25.11 6.21
N PHE B 268 -17.79 24.08 7.03
CA PHE B 268 -18.12 22.72 6.63
C PHE B 268 -19.33 22.19 7.41
N ILE B 269 -20.22 21.50 6.71
CA ILE B 269 -21.37 20.87 7.33
C ILE B 269 -21.45 19.41 6.91
N PHE B 270 -21.24 18.52 7.88
CA PHE B 270 -21.28 17.09 7.65
C PHE B 270 -22.59 16.51 8.17
N THR B 271 -23.26 15.74 7.32
CA THR B 271 -24.51 15.06 7.69
C THR B 271 -24.40 13.59 7.35
N SER B 272 -24.85 12.72 8.25
CA SER B 272 -24.81 11.28 8.02
C SER B 272 -26.08 10.59 8.53
N LYS B 273 -26.46 9.53 7.82
CA LYS B 273 -27.49 8.63 8.31
C LYS B 273 -26.95 7.89 9.51
N LEU B 274 -27.86 7.42 10.36
CA LEU B 274 -27.49 6.63 11.52
C LEU B 274 -27.81 5.16 11.27
N VAL B 275 -27.16 4.29 12.02
CA VAL B 275 -27.36 2.85 11.87
C VAL B 275 -28.28 2.32 12.95
N ASP B 276 -29.27 1.54 12.55
CA ASP B 276 -30.17 0.89 13.50
C ASP B 276 -29.56 -0.43 13.94
N GLY B 277 -30.04 -0.93 15.08
CA GLY B 277 -29.56 -2.19 15.62
C GLY B 277 -29.37 -2.06 17.11
N ARG B 278 -29.24 -3.20 17.79
CA ARG B 278 -29.10 -3.22 19.23
C ARG B 278 -27.63 -3.31 19.61
N PHE B 279 -27.00 -2.15 19.77
CA PHE B 279 -25.60 -2.08 20.16
C PHE B 279 -25.44 -2.64 21.57
N PRO B 280 -24.38 -3.44 21.81
CA PRO B 280 -24.29 -4.01 23.17
C PRO B 280 -24.04 -2.94 24.23
N ASP B 281 -24.35 -3.29 25.47
CA ASP B 281 -24.25 -2.36 26.59
C ASP B 281 -22.88 -2.48 27.25
N TYR B 282 -22.09 -1.42 27.16
CA TYR B 282 -20.71 -1.44 27.64
C TYR B 282 -20.63 -1.70 29.15
N ARG B 283 -21.70 -1.37 29.87
CA ARG B 283 -21.72 -1.53 31.32
C ARG B 283 -21.63 -2.98 31.74
N ARG B 284 -22.22 -3.86 30.93
CA ARG B 284 -22.22 -5.29 31.23
C ARG B 284 -20.91 -5.94 30.82
N VAL B 285 -20.18 -5.27 29.93
CA VAL B 285 -18.93 -5.79 29.39
C VAL B 285 -17.77 -5.50 30.34
N LEU B 286 -17.83 -4.34 31.00
CA LEU B 286 -16.82 -3.99 31.99
C LEU B 286 -16.75 -5.09 33.06
N PRO B 287 -15.54 -5.34 33.60
CA PRO B 287 -15.45 -6.36 34.66
C PRO B 287 -16.41 -5.91 35.76
N LYS B 288 -16.97 -6.86 36.51
CA LYS B 288 -18.00 -6.56 37.49
C LYS B 288 -17.17 -5.77 38.50
N ASN B 289 -16.26 -6.46 39.18
CA ASN B 289 -15.40 -5.80 40.15
C ASN B 289 -13.96 -6.28 40.14
N PRO B 290 -13.07 -5.52 39.48
CA PRO B 290 -11.65 -5.87 39.62
C PRO B 290 -11.21 -5.74 41.07
N ASP B 291 -10.31 -6.62 41.51
CA ASP B 291 -9.80 -6.59 42.87
C ASP B 291 -8.28 -6.71 42.85
N LYS B 292 -7.74 -6.81 41.64
CA LYS B 292 -6.31 -6.76 41.42
C LYS B 292 -6.05 -5.74 40.35
N HIS B 293 -5.01 -4.94 40.54
CA HIS B 293 -4.67 -3.90 39.58
C HIS B 293 -3.17 -3.67 39.59
N LEU B 294 -2.60 -3.48 38.41
CA LEU B 294 -1.19 -3.20 38.27
C LEU B 294 -1.04 -1.94 37.45
N GLU B 295 0.03 -1.20 37.69
CA GLU B 295 0.36 -0.03 36.90
C GLU B 295 1.73 -0.20 36.28
N ALA B 296 1.92 0.33 35.09
CA ALA B 296 3.20 0.24 34.40
C ALA B 296 3.37 1.38 33.41
N GLY B 297 4.62 1.70 33.09
CA GLY B 297 4.91 2.66 32.05
C GLY B 297 4.32 2.17 30.75
N CYS B 298 3.52 3.02 30.10
CA CYS B 298 2.84 2.64 28.87
C CYS B 298 3.85 2.24 27.79
N ASP B 299 4.87 3.08 27.62
CA ASP B 299 5.88 2.87 26.60
C ASP B 299 6.63 1.54 26.81
N LEU B 300 7.13 1.31 28.03
CA LEU B 300 7.90 0.10 28.30
C LEU B 300 7.06 -1.16 28.12
N LEU B 301 5.82 -1.12 28.62
CA LEU B 301 4.92 -2.25 28.51
C LEU B 301 4.62 -2.55 27.04
N LYS B 302 4.39 -1.49 26.26
CA LYS B 302 4.06 -1.64 24.85
C LYS B 302 5.23 -2.20 24.04
N GLN B 303 6.42 -1.62 24.21
CA GLN B 303 7.60 -2.11 23.51
C GLN B 303 7.90 -3.56 23.89
N ALA B 304 7.60 -3.92 25.14
CA ALA B 304 7.83 -5.27 25.63
C ALA B 304 6.87 -6.24 24.96
N PHE B 305 5.58 -5.88 24.94
CA PHE B 305 4.58 -6.68 24.25
C PHE B 305 4.90 -6.79 22.76
N ALA B 306 5.39 -5.69 22.19
CA ALA B 306 5.68 -5.66 20.77
C ALA B 306 6.82 -6.61 20.40
N ARG B 307 7.84 -6.70 21.24
CA ARG B 307 8.94 -7.63 20.98
C ARG B 307 8.49 -9.07 21.16
N ALA B 308 7.72 -9.32 22.21
CA ALA B 308 7.18 -10.65 22.49
C ALA B 308 6.31 -11.16 21.34
N ALA B 309 5.47 -10.28 20.82
CA ALA B 309 4.53 -10.64 19.75
C ALA B 309 5.23 -11.26 18.54
N ILE B 310 6.47 -10.83 18.27
CA ILE B 310 7.24 -11.35 17.15
C ILE B 310 7.30 -12.87 17.16
N LEU B 311 7.39 -13.46 18.35
CA LEU B 311 7.51 -14.90 18.50
C LEU B 311 6.24 -15.54 19.05
N SER B 312 5.12 -14.84 18.91
CA SER B 312 3.82 -15.39 19.27
C SER B 312 3.22 -16.10 18.06
N ASN B 313 2.25 -16.98 18.29
CA ASN B 313 1.52 -17.62 17.21
C ASN B 313 0.95 -16.59 16.27
N GLU B 314 1.17 -16.79 14.97
CA GLU B 314 0.76 -15.82 13.97
C GLU B 314 -0.75 -15.81 13.77
N LYS B 315 -1.41 -16.91 14.12
CA LYS B 315 -2.85 -17.03 13.95
C LYS B 315 -3.63 -16.57 15.19
N PHE B 316 -3.18 -16.98 16.37
CA PHE B 316 -3.91 -16.72 17.61
C PHE B 316 -3.30 -15.61 18.44
N ARG B 317 -2.00 -15.36 18.25
CA ARG B 317 -1.35 -14.18 18.83
C ARG B 317 -1.40 -14.14 20.35
N GLY B 318 -1.38 -15.30 20.99
CA GLY B 318 -1.40 -15.36 22.43
C GLY B 318 -0.05 -15.08 23.08
N VAL B 319 -0.08 -14.32 24.17
CA VAL B 319 1.09 -14.14 25.02
C VAL B 319 0.67 -14.38 26.46
N ARG B 320 1.61 -14.82 27.29
CA ARG B 320 1.35 -15.05 28.70
C ARG B 320 1.93 -13.95 29.56
N LEU B 321 1.17 -13.53 30.56
CA LEU B 321 1.64 -12.61 31.57
C LEU B 321 1.76 -13.35 32.89
N TYR B 322 2.88 -13.17 33.59
CA TYR B 322 2.97 -13.59 34.97
C TYR B 322 3.26 -12.38 35.84
N VAL B 323 2.27 -12.03 36.65
CA VAL B 323 2.35 -10.87 37.51
C VAL B 323 2.73 -11.32 38.92
N SER B 324 3.72 -10.67 39.50
CA SER B 324 4.13 -10.95 40.86
C SER B 324 4.52 -9.60 41.46
N GLU B 325 5.03 -9.59 42.69
CA GLU B 325 5.28 -8.32 43.36
C GLU B 325 6.17 -7.40 42.54
N ASN B 326 5.59 -6.27 42.15
CA ASN B 326 6.26 -5.23 41.38
C ASN B 326 7.03 -5.77 40.16
N GLN B 327 6.55 -6.86 39.59
CA GLN B 327 7.21 -7.42 38.42
C GLN B 327 6.19 -8.04 37.46
N LEU B 328 6.53 -7.95 36.17
CA LEU B 328 5.72 -8.52 35.12
C LEU B 328 6.60 -9.31 34.18
N LYS B 329 6.22 -10.56 33.93
CA LYS B 329 6.93 -11.39 32.97
C LYS B 329 6.03 -11.75 31.81
N ILE B 330 6.40 -11.26 30.62
CA ILE B 330 5.66 -11.54 29.41
C ILE B 330 6.41 -12.62 28.63
N THR B 331 5.68 -13.65 28.21
CA THR B 331 6.28 -14.69 27.40
C THR B 331 5.39 -15.04 26.21
N ALA B 332 6.02 -15.53 25.17
CA ALA B 332 5.34 -15.91 23.95
C ALA B 332 6.12 -17.03 23.29
N ASN B 333 5.39 -17.95 22.65
CA ASN B 333 6.03 -18.92 21.78
C ASN B 333 5.11 -19.28 20.63
N ASN B 334 5.67 -20.00 19.66
CA ASN B 334 4.96 -20.34 18.44
C ASN B 334 5.15 -21.82 18.15
N PRO B 335 4.46 -22.35 17.13
CA PRO B 335 4.58 -23.79 16.85
C PRO B 335 6.00 -24.25 16.50
N GLU B 336 6.85 -23.33 16.05
CA GLU B 336 8.26 -23.67 15.83
C GLU B 336 9.02 -23.64 17.15
N GLN B 337 8.30 -23.43 18.25
CA GLN B 337 8.84 -23.50 19.60
C GLN B 337 9.92 -22.44 19.88
N GLU B 338 9.92 -21.39 19.07
CA GLU B 338 10.69 -20.20 19.36
C GLU B 338 10.03 -19.52 20.56
N GLU B 339 10.80 -18.83 21.38
CA GLU B 339 10.26 -18.23 22.61
C GLU B 339 10.81 -16.84 22.86
N ALA B 340 9.94 -15.97 23.37
CA ALA B 340 10.33 -14.63 23.78
C ALA B 340 10.02 -14.46 25.26
N GLU B 341 10.91 -13.79 25.99
CA GLU B 341 10.68 -13.50 27.39
C GLU B 341 11.08 -12.07 27.70
N GLU B 342 10.15 -11.33 28.30
CA GLU B 342 10.36 -9.94 28.69
C GLU B 342 10.04 -9.79 30.16
N ILE B 343 10.92 -9.11 30.89
CA ILE B 343 10.68 -8.85 32.31
C ILE B 343 10.76 -7.36 32.58
N LEU B 344 9.70 -6.83 33.19
CA LEU B 344 9.59 -5.41 33.49
C LEU B 344 9.37 -5.19 34.96
N ASP B 345 9.78 -4.02 35.43
CA ASP B 345 9.37 -3.54 36.73
C ASP B 345 7.98 -2.93 36.59
N VAL B 346 7.08 -3.29 37.50
CA VAL B 346 5.76 -2.70 37.52
C VAL B 346 5.39 -2.37 38.96
N THR B 347 4.20 -1.80 39.14
CA THR B 347 3.65 -1.54 40.46
C THR B 347 2.55 -2.56 40.71
N TYR B 348 2.81 -3.52 41.60
CA TYR B 348 1.85 -4.58 41.88
C TYR B 348 2.11 -5.32 43.18
N SER B 349 1.06 -5.42 44.00
CA SER B 349 1.16 -6.08 45.30
C SER B 349 0.03 -7.09 45.58
N GLY B 350 -0.68 -7.49 44.52
CA GLY B 350 -1.71 -8.49 44.64
C GLY B 350 -1.14 -9.90 44.63
N ALA B 351 -2.02 -10.90 44.61
CA ALA B 351 -1.59 -12.28 44.48
C ALA B 351 -0.95 -12.48 43.11
N GLU B 352 -0.04 -13.43 43.02
CA GLU B 352 0.57 -13.74 41.74
C GLU B 352 -0.48 -14.32 40.81
N MET B 353 -0.46 -13.93 39.55
CA MET B 353 -1.39 -14.53 38.60
C MET B 353 -0.83 -14.65 37.18
N GLU B 354 -1.21 -15.75 36.55
CA GLU B 354 -0.86 -16.03 35.17
C GLU B 354 -2.08 -15.82 34.31
N ILE B 355 -1.92 -15.09 33.21
CA ILE B 355 -3.04 -14.77 32.34
C ILE B 355 -2.58 -14.50 30.93
N GLY B 356 -3.31 -15.05 29.97
CA GLY B 356 -2.98 -14.90 28.57
C GLY B 356 -3.83 -13.88 27.86
N PHE B 357 -3.25 -13.24 26.85
CA PHE B 357 -3.99 -12.29 26.02
C PHE B 357 -3.69 -12.42 24.55
N ASN B 358 -4.63 -12.00 23.73
CA ASN B 358 -4.38 -11.65 22.35
C ASN B 358 -3.50 -10.39 22.34
N VAL B 359 -2.23 -10.54 22.00
CA VAL B 359 -1.29 -9.43 22.11
C VAL B 359 -1.64 -8.28 21.15
N SER B 360 -2.29 -8.60 20.04
CA SER B 360 -2.69 -7.57 19.09
C SER B 360 -3.70 -6.62 19.71
N TYR B 361 -4.63 -7.16 20.49
CA TYR B 361 -5.64 -6.33 21.14
C TYR B 361 -5.02 -5.49 22.25
N VAL B 362 -4.05 -6.04 22.96
CA VAL B 362 -3.37 -5.29 24.02
C VAL B 362 -2.59 -4.13 23.41
N LEU B 363 -1.79 -4.42 22.39
CA LEU B 363 -1.02 -3.38 21.70
C LEU B 363 -1.93 -2.30 21.11
N ASP B 364 -3.08 -2.71 20.59
CA ASP B 364 -4.05 -1.76 20.04
C ASP B 364 -4.46 -0.76 21.13
N VAL B 365 -4.75 -1.28 22.31
CA VAL B 365 -5.14 -0.46 23.44
C VAL B 365 -4.00 0.47 23.86
N LEU B 366 -2.79 -0.08 23.99
CA LEU B 366 -1.65 0.71 24.45
C LEU B 366 -1.29 1.82 23.46
N ASN B 367 -1.47 1.55 22.18
CA ASN B 367 -1.25 2.58 21.15
C ASN B 367 -2.26 3.72 21.26
N ALA B 368 -3.52 3.35 21.47
CA ALA B 368 -4.60 4.33 21.54
C ALA B 368 -4.49 5.19 22.79
N LEU B 369 -3.90 4.64 23.85
CA LEU B 369 -3.80 5.38 25.12
C LEU B 369 -2.80 6.53 25.00
N LYS B 370 -1.58 6.23 24.55
CA LYS B 370 -0.55 7.24 24.37
C LYS B 370 -0.42 8.13 25.60
N CYS B 371 -0.39 7.50 26.77
CA CYS B 371 -0.22 8.20 28.04
C CYS B 371 1.07 7.74 28.69
N GLU B 372 1.31 8.19 29.92
CA GLU B 372 2.54 7.86 30.61
C GLU B 372 2.49 6.50 31.27
N ASN B 373 1.44 6.28 32.07
CA ASN B 373 1.26 5.01 32.77
C ASN B 373 -0.12 4.44 32.51
N VAL B 374 -0.19 3.11 32.45
CA VAL B 374 -1.44 2.42 32.20
C VAL B 374 -1.79 1.54 33.38
N ARG B 375 -3.08 1.42 33.65
CA ARG B 375 -3.57 0.56 34.73
C ARG B 375 -4.32 -0.62 34.15
N MET B 376 -3.98 -1.81 34.62
CA MET B 376 -4.64 -3.04 34.20
C MET B 376 -5.43 -3.60 35.37
N MET B 377 -6.75 -3.61 35.30
CA MET B 377 -7.58 -4.09 36.37
C MET B 377 -8.00 -5.52 36.12
N LEU B 378 -7.58 -6.42 36.98
CA LEU B 378 -7.83 -7.83 36.78
C LEU B 378 -8.65 -8.47 37.88
N THR B 379 -9.36 -9.52 37.53
CA THR B 379 -10.18 -10.25 38.45
C THR B 379 -9.61 -11.64 38.58
N ASP B 380 -9.49 -12.31 37.47
CA ASP B 380 -8.86 -13.62 37.40
C ASP B 380 -8.79 -14.03 35.93
N SER B 381 -7.92 -14.98 35.62
CA SER B 381 -7.94 -15.59 34.30
C SER B 381 -9.33 -16.23 34.15
N VAL B 382 -9.91 -16.09 32.95
CA VAL B 382 -11.29 -16.48 32.63
C VAL B 382 -12.28 -15.34 32.93
N SER B 383 -11.76 -14.15 33.23
CA SER B 383 -12.60 -12.98 33.44
C SER B 383 -12.08 -11.79 32.63
N SER B 384 -13.00 -10.99 32.09
CA SER B 384 -12.63 -9.86 31.26
C SER B 384 -11.69 -8.90 31.99
N VAL B 385 -10.79 -8.30 31.23
CA VAL B 385 -9.76 -7.42 31.77
C VAL B 385 -10.04 -5.99 31.34
N GLN B 386 -9.85 -5.05 32.25
CA GLN B 386 -10.07 -3.67 31.95
C GLN B 386 -8.78 -2.90 31.99
N ILE B 387 -8.53 -2.11 30.94
CA ILE B 387 -7.31 -1.32 30.84
C ILE B 387 -7.65 0.16 30.72
N GLU B 388 -6.94 0.96 31.48
CA GLU B 388 -7.11 2.40 31.49
C GLU B 388 -5.81 3.19 31.59
N ASP B 389 -5.85 4.42 31.12
CA ASP B 389 -4.78 5.34 31.48
C ASP B 389 -4.76 5.40 32.99
N ALA B 390 -3.57 5.27 33.59
CA ALA B 390 -3.46 5.27 35.04
C ALA B 390 -3.92 6.59 35.63
N ALA B 391 -3.76 7.67 34.86
CA ALA B 391 -4.01 9.02 35.36
C ALA B 391 -5.41 9.55 35.02
N SER B 392 -6.23 8.74 34.35
CA SER B 392 -7.56 9.20 33.94
C SER B 392 -8.51 8.04 33.65
N GLN B 393 -9.78 8.23 34.01
CA GLN B 393 -10.81 7.20 33.80
C GLN B 393 -11.76 7.53 32.66
N SER B 394 -11.41 8.53 31.85
CA SER B 394 -12.28 8.95 30.74
C SER B 394 -12.43 7.85 29.70
N ALA B 395 -11.38 7.06 29.50
CA ALA B 395 -11.43 5.95 28.56
C ALA B 395 -11.18 4.63 29.28
N ALA B 396 -11.84 3.58 28.81
CA ALA B 396 -11.69 2.25 29.38
C ALA B 396 -11.71 1.23 28.24
N TYR B 397 -10.91 0.18 28.36
CA TYR B 397 -10.82 -0.83 27.33
C TYR B 397 -10.99 -2.20 27.94
N VAL B 398 -11.69 -3.09 27.22
CA VAL B 398 -11.95 -4.42 27.71
C VAL B 398 -11.42 -5.47 26.74
N VAL B 399 -10.59 -6.36 27.29
CA VAL B 399 -10.00 -7.45 26.52
C VAL B 399 -10.23 -8.73 27.29
N MET B 400 -10.55 -9.80 26.57
CA MET B 400 -10.85 -11.08 27.19
C MET B 400 -9.59 -11.92 27.34
N PRO B 401 -9.40 -12.53 28.52
CA PRO B 401 -8.22 -13.38 28.65
C PRO B 401 -8.30 -14.64 27.83
N MET B 402 -7.13 -15.20 27.59
CA MET B 402 -6.96 -16.44 26.86
C MET B 402 -6.52 -17.51 27.84
N ARG B 403 -7.36 -18.50 28.09
CA ARG B 403 -6.99 -19.56 29.02
C ARG B 403 -6.03 -20.53 28.33
N LEU B 404 -5.05 -21.00 29.08
CA LEU B 404 -4.06 -21.92 28.57
C LEU B 404 -3.73 -23.01 29.56
N PRO B 426 -11.50 -31.31 28.09
CA PRO B 426 -10.34 -31.48 27.22
C PRO B 426 -9.87 -30.13 26.68
N VAL B 427 -10.62 -29.60 25.72
CA VAL B 427 -10.26 -28.34 25.07
C VAL B 427 -10.62 -27.17 25.99
N CYS B 428 -9.77 -26.16 26.01
CA CYS B 428 -9.98 -25.02 26.89
C CYS B 428 -11.12 -24.12 26.43
N ALA B 429 -12.10 -23.95 27.32
CA ALA B 429 -13.26 -23.11 27.04
C ALA B 429 -12.96 -21.63 27.27
N GLN B 430 -12.94 -20.85 26.20
CA GLN B 430 -12.60 -19.43 26.27
C GLN B 430 -13.86 -18.58 26.50
N PRO B 431 -13.83 -17.68 27.49
CA PRO B 431 -15.04 -16.88 27.74
C PRO B 431 -15.30 -15.85 26.65
N LEU B 432 -16.56 -15.61 26.33
CA LEU B 432 -16.94 -14.63 25.32
C LEU B 432 -16.96 -13.22 25.90
N LEU B 433 -16.62 -12.24 25.07
CA LEU B 433 -16.72 -10.84 25.48
C LEU B 433 -18.16 -10.51 25.87
N ILE B 434 -19.10 -11.06 25.11
CA ILE B 434 -20.52 -10.81 25.30
C ILE B 434 -21.25 -12.13 25.11
N PRO B 435 -21.94 -12.63 26.14
CA PRO B 435 -22.64 -13.90 25.93
C PRO B 435 -23.60 -13.83 24.75
N LEU B 436 -23.60 -14.86 23.91
CA LEU B 436 -24.41 -14.87 22.69
C LEU B 436 -25.74 -15.56 22.94
N ARG B 437 -26.81 -14.78 22.90
CA ARG B 437 -28.16 -15.27 23.17
C ARG B 437 -28.90 -15.51 21.87
N LEU B 438 -29.44 -16.71 21.70
CA LEU B 438 -30.11 -17.09 20.46
C LEU B 438 -31.44 -17.78 20.71
N LYS B 439 -32.47 -17.33 20.00
CA LYS B 439 -33.77 -17.98 20.02
C LYS B 439 -33.66 -19.34 19.34
N VAL B 440 -34.29 -20.35 19.94
CA VAL B 440 -34.24 -21.71 19.40
C VAL B 440 -35.61 -22.38 19.43
N SER B 441 -35.91 -23.13 18.39
CA SER B 441 -37.14 -23.91 18.33
C SER B 441 -37.03 -25.12 19.25
N ALA B 442 -38.16 -25.78 19.50
CA ALA B 442 -38.20 -26.98 20.32
C ALA B 442 -37.21 -28.04 19.80
N GLU B 443 -37.14 -28.19 18.49
CA GLU B 443 -36.25 -29.18 17.89
C GLU B 443 -34.78 -28.81 18.05
N GLU B 444 -34.46 -27.53 17.87
CA GLU B 444 -33.08 -27.06 18.04
C GLU B 444 -32.62 -27.27 19.47
N LYS B 445 -33.53 -26.97 20.38
CA LYS B 445 -33.27 -27.03 21.83
C LYS B 445 -32.93 -28.48 22.25
N SER B 446 -33.74 -29.40 21.77
CA SER B 446 -33.54 -30.81 22.07
C SER B 446 -32.20 -31.32 21.56
N ALA B 447 -31.84 -30.90 20.35
CA ALA B 447 -30.56 -31.28 19.77
C ALA B 447 -29.41 -30.76 20.61
N LEU B 448 -29.56 -29.54 21.11
CA LEU B 448 -28.52 -28.92 21.93
C LEU B 448 -28.37 -29.62 23.27
N GLU B 449 -29.49 -29.94 23.90
CA GLU B 449 -29.48 -30.57 25.21
C GLU B 449 -28.89 -31.97 25.13
N LYS B 450 -29.17 -32.68 24.05
CA LYS B 450 -28.58 -34.00 23.83
C LYS B 450 -27.08 -33.90 23.60
N ALA B 451 -26.65 -32.83 22.93
CA ALA B 451 -25.25 -32.67 22.53
C ALA B 451 -24.43 -31.88 23.55
N GLN B 452 -25.08 -31.39 24.61
CA GLN B 452 -24.44 -30.48 25.54
C GLN B 452 -23.14 -31.01 26.12
N SER B 453 -23.17 -32.22 26.68
CA SER B 453 -21.98 -32.78 27.32
C SER B 453 -20.88 -33.05 26.30
N ALA B 454 -21.27 -33.39 25.08
CA ALA B 454 -20.31 -33.61 24.00
C ALA B 454 -19.69 -32.28 23.59
N LEU B 455 -20.49 -31.23 23.66
CA LEU B 455 -20.03 -29.89 23.32
C LEU B 455 -19.12 -29.32 24.41
N ALA B 456 -19.45 -29.63 25.66
CA ALA B 456 -18.65 -29.21 26.80
C ALA B 456 -17.22 -29.72 26.67
N GLU B 457 -17.07 -30.92 26.12
CA GLU B 457 -15.77 -31.54 25.98
C GLU B 457 -14.92 -30.84 24.91
N LEU B 458 -15.58 -30.04 24.07
CA LEU B 458 -14.89 -29.29 23.02
C LEU B 458 -14.64 -27.85 23.45
N GLY B 459 -15.06 -27.51 24.66
CA GLY B 459 -14.86 -26.16 25.19
C GLY B 459 -16.04 -25.24 24.91
N ILE B 460 -17.16 -25.81 24.53
CA ILE B 460 -18.37 -25.03 24.25
C ILE B 460 -19.32 -25.13 25.45
N ASP B 461 -19.48 -24.02 26.16
CA ASP B 461 -20.38 -23.95 27.32
C ASP B 461 -21.56 -23.05 27.01
N PHE B 462 -22.76 -23.49 27.38
CA PHE B 462 -23.95 -22.69 27.15
C PHE B 462 -25.06 -23.02 28.15
N GLN B 463 -26.04 -22.13 28.22
CA GLN B 463 -27.20 -22.29 29.10
C GLN B 463 -28.46 -22.16 28.28
N SER B 464 -29.46 -22.98 28.60
CA SER B 464 -30.73 -22.96 27.88
C SER B 464 -31.84 -22.40 28.76
N ASP B 465 -32.51 -21.38 28.25
CA ASP B 465 -33.71 -20.86 28.89
C ASP B 465 -34.90 -21.50 28.17
N ALA B 466 -36.11 -21.07 28.50
CA ALA B 466 -37.29 -21.63 27.86
C ALA B 466 -37.19 -21.79 26.35
N GLN B 467 -37.05 -20.68 25.64
CA GLN B 467 -36.93 -20.70 24.17
C GLN B 467 -35.66 -20.01 23.69
N HIS B 468 -34.64 -20.01 24.54
CA HIS B 468 -33.36 -19.38 24.20
C HIS B 468 -32.18 -20.20 24.68
N VAL B 469 -31.04 -19.96 24.04
CA VAL B 469 -29.76 -20.51 24.45
C VAL B 469 -28.77 -19.36 24.58
N THR B 470 -27.91 -19.43 25.59
CA THR B 470 -26.90 -18.40 25.80
C THR B 470 -25.50 -19.03 25.79
N ILE B 471 -24.75 -18.77 24.71
CA ILE B 471 -23.38 -19.25 24.62
C ILE B 471 -22.47 -18.38 25.48
N ARG B 472 -21.79 -19.01 26.43
CA ARG B 472 -20.92 -18.28 27.35
C ARG B 472 -19.45 -18.56 27.09
N ALA B 473 -19.15 -19.67 26.43
CA ALA B 473 -17.76 -20.01 26.14
C ALA B 473 -17.65 -20.94 24.94
N VAL B 474 -16.54 -20.80 24.22
CA VAL B 474 -16.22 -21.64 23.08
C VAL B 474 -14.70 -21.85 23.04
N PRO B 475 -14.24 -22.85 22.27
CA PRO B 475 -12.79 -22.99 22.08
C PRO B 475 -12.21 -21.82 21.31
N LEU B 476 -10.91 -21.57 21.49
CA LEU B 476 -10.26 -20.36 20.98
C LEU B 476 -10.45 -20.13 19.47
N PRO B 477 -10.31 -21.18 18.65
CA PRO B 477 -10.45 -20.95 17.20
C PRO B 477 -11.82 -20.40 16.81
N LEU B 478 -12.85 -20.72 17.58
CA LEU B 478 -14.19 -20.19 17.31
C LEU B 478 -14.35 -18.78 17.85
N ARG B 479 -13.77 -18.51 19.01
CA ARG B 479 -13.94 -17.20 19.64
C ARG B 479 -13.34 -16.10 18.78
N GLN B 480 -12.21 -16.38 18.13
CA GLN B 480 -11.54 -15.38 17.32
C GLN B 480 -12.23 -15.18 15.96
N GLN B 481 -13.42 -15.76 15.83
CA GLN B 481 -14.26 -15.59 14.64
C GLN B 481 -15.61 -15.00 15.04
N ASN B 482 -16.53 -14.96 14.08
CA ASN B 482 -17.86 -14.38 14.34
C ASN B 482 -18.85 -15.45 14.74
N LEU B 483 -19.13 -15.52 16.03
CA LEU B 483 -20.05 -16.51 16.58
C LEU B 483 -21.50 -16.26 16.20
N GLN B 484 -21.82 -15.03 15.80
CA GLN B 484 -23.16 -14.72 15.32
C GLN B 484 -23.45 -15.50 14.05
N ILE B 485 -22.38 -15.84 13.33
CA ILE B 485 -22.49 -16.63 12.10
C ILE B 485 -22.32 -18.11 12.40
N LEU B 486 -21.27 -18.44 13.14
CA LEU B 486 -20.84 -19.82 13.32
C LEU B 486 -21.79 -20.67 14.18
N ILE B 487 -22.25 -20.11 15.30
CA ILE B 487 -23.04 -20.90 16.23
C ILE B 487 -24.38 -21.30 15.61
N PRO B 488 -25.06 -20.37 14.92
CA PRO B 488 -26.29 -20.83 14.27
C PRO B 488 -26.05 -21.89 13.20
N GLU B 489 -24.87 -21.90 12.59
CA GLU B 489 -24.49 -22.99 11.69
C GLU B 489 -24.32 -24.28 12.47
N LEU B 490 -23.70 -24.17 13.64
CA LEU B 490 -23.47 -25.34 14.49
C LEU B 490 -24.82 -25.90 14.95
N ILE B 491 -25.75 -25.02 15.27
CA ILE B 491 -27.08 -25.45 15.71
C ILE B 491 -27.82 -26.14 14.57
N GLY B 492 -27.69 -25.60 13.35
CA GLY B 492 -28.32 -26.19 12.19
C GLY B 492 -27.81 -27.60 11.95
N TYR B 493 -26.50 -27.77 12.11
CA TYR B 493 -25.86 -29.07 11.94
C TYR B 493 -26.29 -30.07 13.01
N LEU B 494 -26.42 -29.59 14.25
CA LEU B 494 -26.76 -30.47 15.36
C LEU B 494 -28.19 -31.00 15.27
N ALA B 495 -29.08 -30.20 14.70
CA ALA B 495 -30.48 -30.59 14.58
C ALA B 495 -30.65 -31.78 13.63
N LYS B 496 -29.62 -32.03 12.82
CA LYS B 496 -29.65 -33.13 11.86
C LYS B 496 -29.22 -34.48 12.47
N GLN B 497 -28.71 -34.45 13.69
CA GLN B 497 -28.15 -35.65 14.30
C GLN B 497 -29.05 -36.26 15.36
N SER B 498 -28.78 -37.53 15.68
CA SER B 498 -29.48 -38.23 16.75
C SER B 498 -28.47 -38.82 17.75
N VAL B 499 -27.22 -38.94 17.30
CA VAL B 499 -26.15 -39.44 18.16
C VAL B 499 -25.00 -38.44 18.21
N PHE B 500 -24.67 -37.98 19.41
CA PHE B 500 -23.68 -36.92 19.58
C PHE B 500 -22.41 -37.38 20.29
N GLU B 501 -21.31 -37.36 19.55
CA GLU B 501 -19.99 -37.69 20.08
C GLU B 501 -19.05 -36.50 19.85
N PRO B 502 -18.11 -36.25 20.77
CA PRO B 502 -17.23 -35.09 20.60
C PRO B 502 -16.35 -35.16 19.35
N GLY B 503 -15.85 -36.35 19.01
CA GLY B 503 -14.98 -36.51 17.86
C GLY B 503 -15.58 -36.03 16.56
N ASN B 504 -16.78 -36.53 16.25
CA ASN B 504 -17.44 -36.19 15.00
C ASN B 504 -17.78 -34.71 14.90
N ILE B 505 -18.27 -34.16 16.00
CA ILE B 505 -18.62 -32.74 16.05
C ILE B 505 -17.36 -31.91 15.81
N ALA B 506 -16.30 -32.21 16.53
CA ALA B 506 -15.03 -31.50 16.38
C ALA B 506 -14.56 -31.51 14.93
N GLN B 507 -14.68 -32.66 14.28
CA GLN B 507 -14.23 -32.80 12.91
C GLN B 507 -15.09 -31.99 11.96
N TRP B 508 -16.39 -31.94 12.23
CA TRP B 508 -17.30 -31.14 11.41
C TRP B 508 -16.98 -29.66 11.56
N ILE B 509 -16.85 -29.20 12.81
CA ILE B 509 -16.50 -27.82 13.09
C ILE B 509 -15.19 -27.47 12.39
N ALA B 510 -14.20 -28.35 12.56
CA ALA B 510 -12.87 -28.14 11.99
C ALA B 510 -12.92 -27.93 10.48
N ARG B 511 -13.85 -28.60 9.80
CA ARG B 511 -13.91 -28.54 8.35
C ARG B 511 -14.95 -27.55 7.82
N ASN B 512 -15.84 -27.09 8.69
CA ASN B 512 -16.93 -26.19 8.27
C ASN B 512 -16.83 -24.78 8.83
N LEU B 513 -16.39 -24.67 10.08
CA LEU B 513 -16.44 -23.40 10.80
C LEU B 513 -14.97 -23.02 10.96
N MET B 514 -14.44 -22.39 9.93
CA MET B 514 -13.05 -21.94 9.92
C MET B 514 -12.87 -21.00 8.73
#